data_7SHP
#
_entry.id   7SHP
#
_cell.length_a   36.611
_cell.length_b   131.109
_cell.length_c   78.517
_cell.angle_alpha   90.000
_cell.angle_beta   92.080
_cell.angle_gamma   90.000
#
_symmetry.space_group_name_H-M   'P 1 21 1'
#
loop_
_entity.id
_entity.type
_entity.pdbx_description
1 polymer 'Stimulator of interferon genes protein'
2 non-polymer (2S,5R,7R,8R,10S,12aR,14R,15R,15aR,16R)-7-(2-amino-6-oxo-3,6-dihydro-9H-purin-9-yl)-14-(6-amino-9H-purin-9-yl)-2,10,15,16-tetrahydroxyoctahydro-2H,10H,12H-5,8-methano-2lambda~5~,10lambda~5~-furo[3,2-l][1,3,6,9,11,2,10]pentaoxadiphosphacyclotetradecine-2,10-dione
3 water water
#
_entity_poly.entity_id   1
_entity_poly.type   'polypeptide(L)'
_entity_poly.pdbx_seq_one_letter_code
;SVAHGLAWSYYIGYLRLILPELQARIRTYNQHYNNLLRGAVSQRLYILLPLDCGVPDNLSMADPNIRFLDKLPQQTGDHA
GIKDRVYSNSIYELLENGQRAGTCVLEYATPLQTLFAMSQYSQAGFSREDRLEQAKLFCRTLEDILADAPESQNNCRLIA
YQEPADDSSFSLSQEVLRHLRQEEKEEV
;
_entity_poly.pdbx_strand_id   A,B,C,D
#
loop_
_chem_comp.id
_chem_comp.type
_chem_comp.name
_chem_comp.formula
9UR non-polymer (2S,5R,7R,8R,10S,12aR,14R,15R,15aR,16R)-7-(2-amino-6-oxo-3,6-dihydro-9H-purin-9-yl)-14-(6-amino-9H-purin-9-yl)-2,10,15,16-tetrahydroxyoctahydro-2H,10H,12H-5,8-methano-2lambda~5~,10lambda~5~-furo[3,2-l][1,3,6,9,11,2,10]pentaoxadiphosphacyclotetradecine-2,10-dione 'C20 H24 N10 O13 P2'
#
# COMPACT_ATOMS: atom_id res chain seq x y z
N SER A 1 -23.56 11.71 -32.33
CA SER A 1 -22.13 11.94 -32.53
C SER A 1 -21.32 11.21 -31.47
N VAL A 2 -20.00 11.16 -31.65
CA VAL A 2 -19.14 10.45 -30.70
C VAL A 2 -19.26 11.08 -29.32
N ALA A 3 -19.09 12.40 -29.23
CA ALA A 3 -19.14 13.07 -27.94
C ALA A 3 -20.51 12.94 -27.28
N HIS A 4 -21.58 12.97 -28.07
CA HIS A 4 -22.92 12.83 -27.51
C HIS A 4 -23.07 11.55 -26.70
N GLY A 5 -22.59 10.43 -27.24
CA GLY A 5 -22.70 9.18 -26.51
C GLY A 5 -21.78 9.13 -25.30
N LEU A 6 -20.58 9.68 -25.43
CA LEU A 6 -19.63 9.63 -24.33
C LEU A 6 -20.10 10.48 -23.16
N ALA A 7 -20.72 11.62 -23.43
CA ALA A 7 -21.22 12.48 -22.36
C ALA A 7 -22.33 11.79 -21.59
N TRP A 8 -23.30 11.22 -22.31
CA TRP A 8 -24.37 10.49 -21.66
C TRP A 8 -23.84 9.27 -20.93
N SER A 9 -22.82 8.63 -21.50
CA SER A 9 -22.14 7.54 -20.81
C SER A 9 -21.56 8.03 -19.48
N TYR A 10 -20.87 9.17 -19.51
CA TYR A 10 -20.25 9.69 -18.30
C TYR A 10 -21.29 10.00 -17.22
N TYR A 11 -22.46 10.46 -17.63
CA TYR A 11 -23.50 10.81 -16.66
C TYR A 11 -24.23 9.57 -16.16
N ILE A 12 -24.71 8.73 -17.08
CA ILE A 12 -25.54 7.59 -16.69
C ILE A 12 -24.74 6.58 -15.88
N GLY A 13 -23.52 6.27 -16.31
CA GLY A 13 -22.75 5.23 -15.67
C GLY A 13 -21.78 5.66 -14.60
N TYR A 14 -21.77 6.94 -14.22
CA TYR A 14 -20.81 7.40 -13.23
C TYR A 14 -21.31 8.58 -12.39
N LEU A 15 -21.50 9.74 -13.02
CA LEU A 15 -21.82 10.96 -12.25
C LEU A 15 -23.14 10.83 -11.53
N ARG A 16 -24.17 10.32 -12.21
CA ARG A 16 -25.46 10.18 -11.55
C ARG A 16 -25.42 9.16 -10.42
N LEU A 17 -24.39 8.30 -10.40
CA LEU A 17 -24.26 7.29 -9.35
C LEU A 17 -23.48 7.78 -8.13
N ILE A 18 -22.50 8.66 -8.31
CA ILE A 18 -21.62 9.02 -7.19
C ILE A 18 -21.89 10.43 -6.67
N LEU A 19 -22.43 11.32 -7.51
CA LEU A 19 -22.72 12.66 -7.05
C LEU A 19 -23.75 12.72 -5.93
N PRO A 20 -24.83 11.94 -5.92
CA PRO A 20 -25.78 12.03 -4.79
C PRO A 20 -25.21 11.55 -3.47
N GLU A 21 -24.17 10.71 -3.48
CA GLU A 21 -23.54 10.23 -2.26
C GLU A 21 -22.21 10.91 -1.97
N LEU A 22 -21.79 11.85 -2.81
CA LEU A 22 -20.46 12.43 -2.64
C LEU A 22 -20.37 13.30 -1.39
N GLN A 23 -21.38 14.13 -1.15
CA GLN A 23 -21.37 15.03 0.00
C GLN A 23 -21.21 14.24 1.31
N ALA A 24 -21.97 13.16 1.46
CA ALA A 24 -21.88 12.39 2.69
C ALA A 24 -20.53 11.68 2.84
N ARG A 25 -19.91 11.30 1.73
CA ARG A 25 -18.59 10.67 1.81
C ARG A 25 -17.52 11.67 2.25
N ILE A 26 -17.56 12.87 1.71
CA ILE A 26 -16.58 13.90 2.09
C ILE A 26 -16.77 14.29 3.54
N ARG A 27 -18.02 14.40 3.99
CA ARG A 27 -18.30 14.78 5.38
C ARG A 27 -17.76 13.75 6.35
N THR A 28 -18.00 12.47 6.07
CA THR A 28 -17.44 11.39 6.89
C THR A 28 -15.92 11.49 6.97
N TYR A 29 -15.27 11.77 5.84
CA TYR A 29 -13.81 11.90 5.83
C TYR A 29 -13.35 13.07 6.70
N ASN A 30 -14.00 14.22 6.55
CA ASN A 30 -13.62 15.39 7.34
C ASN A 30 -13.92 15.23 8.82
N GLN A 31 -14.79 14.28 9.19
CA GLN A 31 -15.14 14.10 10.60
C GLN A 31 -14.02 13.45 11.40
N HIS A 32 -13.17 12.64 10.75
CA HIS A 32 -11.99 12.12 11.41
C HIS A 32 -10.96 13.23 11.58
N TYR A 33 -10.56 13.48 12.83
CA TYR A 33 -9.75 14.66 13.13
C TYR A 33 -8.31 14.51 12.64
N ASN A 34 -7.81 13.28 12.53
CA ASN A 34 -6.47 13.11 11.95
C ASN A 34 -6.44 13.42 10.47
N ASN A 35 -7.55 13.13 9.75
CA ASN A 35 -7.67 13.60 8.38
C ASN A 35 -7.71 15.13 8.33
N LEU A 36 -8.60 15.72 9.13
CA LEU A 36 -8.85 17.16 9.07
C LEU A 36 -7.65 17.99 9.50
N LEU A 37 -6.74 17.42 10.29
CA LEU A 37 -5.56 18.17 10.71
C LEU A 37 -4.65 18.52 9.54
N ARG A 38 -4.65 17.69 8.50
CA ARG A 38 -4.00 18.09 7.25
C ARG A 38 -4.60 19.40 6.77
N GLY A 39 -5.91 19.43 6.65
CA GLY A 39 -6.68 20.47 6.00
C GLY A 39 -8.00 19.83 5.59
N ALA A 40 -9.06 20.60 5.51
CA ALA A 40 -10.34 20.03 5.17
C ALA A 40 -10.48 19.79 3.67
N VAL A 41 -11.12 18.68 3.32
CA VAL A 41 -11.43 18.40 1.92
C VAL A 41 -12.63 19.26 1.53
N SER A 42 -12.46 20.10 0.50
CA SER A 42 -13.57 20.90 0.01
C SER A 42 -14.67 19.99 -0.52
N GLN A 43 -15.91 20.50 -0.49
CA GLN A 43 -17.00 19.79 -1.13
C GLN A 43 -16.83 19.82 -2.64
N ARG A 44 -17.73 19.11 -3.33
CA ARG A 44 -17.80 19.05 -4.79
C ARG A 44 -16.70 18.20 -5.43
N LEU A 45 -17.04 17.53 -6.53
CA LEU A 45 -16.06 16.83 -7.34
C LEU A 45 -15.54 17.77 -8.41
N TYR A 46 -14.22 17.95 -8.47
CA TYR A 46 -13.62 18.83 -9.46
C TYR A 46 -13.13 17.98 -10.63
N ILE A 47 -13.71 18.23 -11.80
CA ILE A 47 -13.49 17.40 -12.99
C ILE A 47 -12.64 18.20 -13.97
N LEU A 48 -11.47 17.67 -14.29
CA LEU A 48 -10.57 18.32 -15.25
C LEU A 48 -10.95 17.92 -16.66
N LEU A 49 -11.08 18.91 -17.54
CA LEU A 49 -11.50 18.70 -18.93
C LEU A 49 -10.52 19.39 -19.86
N PRO A 50 -9.31 18.84 -20.02
CA PRO A 50 -8.37 19.40 -21.00
C PRO A 50 -8.92 19.20 -22.41
N LEU A 51 -9.08 20.31 -23.13
CA LEU A 51 -9.63 20.24 -24.49
C LEU A 51 -8.69 19.54 -25.45
N ASP A 52 -7.40 19.47 -25.15
CA ASP A 52 -6.46 18.71 -25.97
C ASP A 52 -6.51 17.21 -25.69
N CYS A 53 -7.29 16.78 -24.69
CA CYS A 53 -7.51 15.38 -24.34
C CYS A 53 -6.23 14.69 -23.86
N GLY A 54 -5.26 15.45 -23.37
CA GLY A 54 -4.09 14.88 -22.73
C GLY A 54 -4.41 14.50 -21.31
N VAL A 55 -4.58 13.21 -21.06
CA VAL A 55 -5.01 12.70 -19.76
C VAL A 55 -3.96 11.71 -19.27
N PRO A 56 -3.07 12.14 -18.37
CA PRO A 56 -2.12 11.20 -17.77
C PRO A 56 -2.81 10.29 -16.77
N ASP A 57 -2.30 9.07 -16.63
CA ASP A 57 -2.85 8.17 -15.63
C ASP A 57 -2.48 8.60 -14.22
N ASN A 58 -1.36 9.32 -14.05
CA ASN A 58 -0.94 9.80 -12.75
C ASN A 58 -0.90 11.32 -12.77
N LEU A 59 -1.95 11.93 -12.22
CA LEU A 59 -2.04 13.38 -12.13
C LEU A 59 -1.09 13.94 -11.06
N SER A 60 -0.79 13.14 -10.03
CA SER A 60 0.07 13.61 -8.95
C SER A 60 1.47 13.93 -9.45
N MET A 61 2.04 13.06 -10.29
CA MET A 61 3.37 13.32 -10.85
C MET A 61 3.35 14.42 -11.92
N ALA A 62 2.28 14.47 -12.72
CA ALA A 62 2.21 15.35 -13.89
C ALA A 62 2.38 16.83 -13.55
N ASN A 65 2.89 20.72 -8.21
CA ASN A 65 2.10 21.49 -7.25
C ASN A 65 0.78 20.79 -6.94
N ILE A 66 0.58 19.61 -7.50
CA ILE A 66 -0.59 18.78 -7.20
C ILE A 66 -0.08 17.48 -6.60
N ARG A 67 -0.47 17.22 -5.36
CA ARG A 67 0.12 16.19 -4.52
C ARG A 67 -0.98 15.27 -4.01
N PHE A 68 -0.87 13.98 -4.34
CA PHE A 68 -1.84 13.01 -3.86
C PHE A 68 -1.73 12.88 -2.35
N LEU A 69 -2.88 12.91 -1.68
CA LEU A 69 -2.96 12.80 -0.23
C LEU A 69 -3.50 11.46 0.23
N ASP A 70 -4.69 11.08 -0.23
CA ASP A 70 -5.38 9.92 0.31
C ASP A 70 -6.54 9.59 -0.60
N LYS A 71 -7.13 8.43 -0.37
CA LYS A 71 -8.33 8.00 -1.07
C LYS A 71 -9.54 8.24 -0.19
N LEU A 72 -10.59 8.59 -0.80
CA LEU A 72 -11.91 8.67 -0.20
C LEU A 72 -12.46 7.25 -0.04
N PRO A 73 -13.15 6.97 1.05
CA PRO A 73 -13.71 5.61 1.23
C PRO A 73 -14.54 5.16 0.04
N GLN A 74 -14.39 3.89 -0.33
CA GLN A 74 -15.00 3.39 -1.55
C GLN A 74 -16.53 3.40 -1.47
N GLN A 75 -17.15 3.47 -2.64
CA GLN A 75 -18.60 3.33 -2.79
C GLN A 75 -18.86 2.16 -3.74
N THR A 76 -19.78 1.28 -3.35
CA THR A 76 -20.06 0.08 -4.14
C THR A 76 -21.52 0.03 -4.58
N GLY A 77 -21.75 -0.74 -5.63
CA GLY A 77 -23.10 -0.99 -6.14
C GLY A 77 -23.07 -2.07 -7.19
N ASP A 78 -24.25 -2.64 -7.45
CA ASP A 78 -24.39 -3.66 -8.48
C ASP A 78 -24.81 -3.03 -9.79
N HIS A 79 -24.11 -3.39 -10.88
CA HIS A 79 -24.28 -2.72 -12.17
CA HIS A 79 -24.32 -2.75 -12.16
C HIS A 79 -24.04 -3.74 -13.28
N ALA A 80 -25.03 -3.93 -14.15
CA ALA A 80 -24.91 -4.76 -15.35
C ALA A 80 -24.42 -6.18 -15.05
N GLY A 81 -24.79 -6.71 -13.89
CA GLY A 81 -24.40 -8.05 -13.52
C GLY A 81 -23.04 -8.18 -12.87
N ILE A 82 -22.35 -7.07 -12.64
CA ILE A 82 -21.14 -7.05 -11.82
C ILE A 82 -21.57 -6.64 -10.43
N LYS A 83 -21.52 -7.56 -9.48
CA LYS A 83 -21.98 -7.30 -8.13
C LYS A 83 -20.89 -6.58 -7.33
N ASP A 84 -21.31 -5.57 -6.55
CA ASP A 84 -20.42 -4.73 -5.76
C ASP A 84 -19.32 -4.13 -6.63
N ARG A 85 -19.74 -3.44 -7.69
CA ARG A 85 -18.80 -2.65 -8.48
C ARG A 85 -18.27 -1.51 -7.62
N VAL A 86 -16.98 -1.22 -7.76
CA VAL A 86 -16.28 -0.32 -6.85
C VAL A 86 -15.99 0.99 -7.56
N TYR A 87 -16.44 2.10 -6.96
CA TYR A 87 -16.12 3.45 -7.40
C TYR A 87 -15.24 4.11 -6.34
N SER A 88 -14.12 4.66 -6.76
CA SER A 88 -13.16 5.27 -5.86
C SER A 88 -12.76 6.64 -6.37
N ASN A 89 -12.44 7.53 -5.44
CA ASN A 89 -12.03 8.88 -5.78
C ASN A 89 -10.85 9.26 -4.89
N SER A 90 -10.05 10.21 -5.36
CA SER A 90 -8.76 10.51 -4.74
C SER A 90 -8.73 11.96 -4.27
N ILE A 91 -8.04 12.18 -3.16
CA ILE A 91 -7.90 13.50 -2.55
C ILE A 91 -6.51 14.04 -2.88
N TYR A 92 -6.46 15.29 -3.34
CA TYR A 92 -5.20 15.92 -3.69
C TYR A 92 -5.06 17.22 -2.92
N GLU A 93 -3.84 17.55 -2.52
CA GLU A 93 -3.55 18.88 -2.00
C GLU A 93 -2.83 19.68 -3.07
N LEU A 94 -3.19 20.95 -3.18
CA LEU A 94 -2.64 21.84 -4.19
C LEU A 94 -1.65 22.79 -3.52
N LEU A 95 -0.40 22.76 -3.98
CA LEU A 95 0.65 23.56 -3.37
C LEU A 95 0.80 24.89 -4.09
N GLU A 96 1.10 25.93 -3.31
CA GLU A 96 1.28 27.28 -3.84
C GLU A 96 2.41 27.93 -3.06
N ASN A 97 3.49 28.29 -3.75
CA ASN A 97 4.69 28.84 -3.14
C ASN A 97 5.25 27.88 -2.09
N GLY A 98 5.15 26.58 -2.37
CA GLY A 98 5.63 25.55 -1.48
C GLY A 98 4.68 25.18 -0.36
N GLN A 99 3.59 25.92 -0.16
CA GLN A 99 2.66 25.69 0.92
C GLN A 99 1.32 25.19 0.38
N ARG A 100 0.65 24.37 1.18
CA ARG A 100 -0.67 23.86 0.82
C ARG A 100 -1.68 24.99 0.74
N ALA A 101 -2.35 25.11 -0.41
CA ALA A 101 -3.34 26.14 -0.63
C ALA A 101 -4.76 25.61 -0.75
N GLY A 102 -4.93 24.30 -0.91
CA GLY A 102 -6.26 23.73 -1.06
C GLY A 102 -6.21 22.22 -1.03
N THR A 103 -7.38 21.63 -0.80
CA THR A 103 -7.53 20.18 -0.75
C THR A 103 -8.89 19.83 -1.34
N CYS A 104 -8.92 18.92 -2.31
CA CYS A 104 -10.16 18.66 -3.01
C CYS A 104 -10.12 17.29 -3.68
N VAL A 105 -11.30 16.78 -3.98
CA VAL A 105 -11.43 15.56 -4.78
C VAL A 105 -11.32 15.96 -6.25
N LEU A 106 -10.36 15.38 -6.95
CA LEU A 106 -9.95 15.87 -8.26
C LEU A 106 -9.71 14.69 -9.18
N GLU A 107 -10.17 14.77 -10.42
CA GLU A 107 -9.91 13.71 -11.38
C GLU A 107 -10.14 14.23 -12.79
N TYR A 108 -9.51 13.56 -13.75
CA TYR A 108 -9.79 13.83 -15.15
C TYR A 108 -11.11 13.19 -15.57
N ALA A 109 -11.74 13.75 -16.59
CA ALA A 109 -12.88 13.09 -17.21
C ALA A 109 -12.36 11.96 -18.08
N THR A 110 -12.60 10.72 -17.67
CA THR A 110 -12.06 9.59 -18.40
C THR A 110 -12.49 9.49 -19.87
N PRO A 111 -13.67 9.96 -20.31
CA PRO A 111 -13.99 9.86 -21.74
C PRO A 111 -13.02 10.63 -22.64
N LEU A 112 -12.34 11.65 -22.13
CA LEU A 112 -11.38 12.37 -22.96
C LEU A 112 -10.20 11.50 -23.36
N GLN A 113 -9.88 10.48 -22.56
CA GLN A 113 -8.84 9.54 -22.95
C GLN A 113 -9.30 8.66 -24.10
N THR A 114 -10.60 8.36 -24.17
CA THR A 114 -11.14 7.66 -25.33
C THR A 114 -10.99 8.49 -26.59
N LEU A 115 -11.33 9.77 -26.52
CA LEU A 115 -11.14 10.67 -27.66
C LEU A 115 -9.68 10.71 -28.08
N PHE A 116 -8.76 10.79 -27.12
CA PHE A 116 -7.34 10.80 -27.47
C PHE A 116 -6.95 9.50 -28.16
N ALA A 117 -7.33 8.36 -27.59
CA ALA A 117 -6.94 7.07 -28.14
C ALA A 117 -7.54 6.86 -29.53
N MET A 118 -8.76 7.35 -29.76
CA MET A 118 -9.36 7.25 -31.08
C MET A 118 -8.56 8.05 -32.11
N SER A 119 -8.07 9.23 -31.72
CA SER A 119 -7.24 9.99 -32.65
C SER A 119 -5.90 9.32 -32.89
N GLN A 120 -5.46 8.45 -31.99
CA GLN A 120 -4.17 7.76 -32.13
C GLN A 120 -4.26 6.52 -33.02
N TYR A 121 -5.40 5.84 -33.06
CA TYR A 121 -5.54 4.55 -33.74
C TYR A 121 -6.16 4.76 -35.11
N SER A 122 -5.47 4.27 -36.15
CA SER A 122 -5.95 4.45 -37.53
C SER A 122 -7.33 3.81 -37.73
N GLN A 123 -7.56 2.65 -37.11
CA GLN A 123 -8.81 1.92 -37.30
C GLN A 123 -10.03 2.73 -36.83
N ALA A 124 -9.85 3.69 -35.93
CA ALA A 124 -10.95 4.52 -35.46
C ALA A 124 -11.41 5.55 -36.48
N GLY A 125 -10.57 5.86 -37.47
CA GLY A 125 -10.93 6.83 -38.50
C GLY A 125 -11.28 8.19 -37.93
N PHE A 126 -10.41 8.72 -37.08
CA PHE A 126 -10.75 9.85 -36.21
C PHE A 126 -9.52 10.75 -36.15
N SER A 127 -9.60 11.92 -36.78
CA SER A 127 -8.44 12.79 -36.88
C SER A 127 -8.30 13.65 -35.62
N ARG A 128 -7.16 14.35 -35.55
CA ARG A 128 -6.95 15.30 -34.44
C ARG A 128 -7.90 16.49 -34.54
N GLU A 129 -8.29 16.86 -35.75
CA GLU A 129 -9.33 17.88 -35.91
C GLU A 129 -10.68 17.35 -35.39
N ASP A 130 -11.01 16.10 -35.71
CA ASP A 130 -12.21 15.47 -35.14
C ASP A 130 -12.17 15.51 -33.62
N ARG A 131 -10.99 15.27 -33.03
CA ARG A 131 -10.89 15.18 -31.58
C ARG A 131 -11.22 16.51 -30.91
N LEU A 132 -10.67 17.61 -31.43
CA LEU A 132 -10.93 18.91 -30.83
C LEU A 132 -12.41 19.29 -30.93
N GLU A 133 -13.04 19.00 -32.07
CA GLU A 133 -14.46 19.28 -32.22
C GLU A 133 -15.28 18.47 -31.21
N GLN A 134 -14.98 17.18 -31.10
CA GLN A 134 -15.79 16.35 -30.21
C GLN A 134 -15.52 16.67 -28.74
N ALA A 135 -14.29 17.03 -28.39
CA ALA A 135 -13.99 17.40 -27.01
C ALA A 135 -14.82 18.60 -26.56
N LYS A 136 -14.95 19.60 -27.44
CA LYS A 136 -15.77 20.77 -27.11
C LYS A 136 -17.24 20.40 -27.10
N LEU A 137 -17.66 19.50 -27.99
CA LEU A 137 -19.03 19.02 -27.94
C LEU A 137 -19.29 18.22 -26.67
N PHE A 138 -18.28 17.45 -26.23
CA PHE A 138 -18.41 16.68 -25.00
C PHE A 138 -18.65 17.59 -23.80
N CYS A 139 -17.86 18.66 -23.68
CA CYS A 139 -17.98 19.54 -22.52
C CYS A 139 -19.33 20.23 -22.50
N ARG A 140 -19.79 20.75 -23.65
CA ARG A 140 -21.08 21.42 -23.70
C ARG A 140 -22.21 20.46 -23.38
N THR A 141 -22.16 19.25 -23.94
CA THR A 141 -23.21 18.28 -23.69
C THR A 141 -23.24 17.86 -22.22
N LEU A 142 -22.06 17.75 -21.60
CA LEU A 142 -22.00 17.41 -20.18
C LEU A 142 -22.57 18.54 -19.31
N GLU A 143 -22.26 19.79 -19.65
CA GLU A 143 -22.82 20.91 -18.88
C GLU A 143 -24.34 20.95 -19.00
N ASP A 144 -24.87 20.73 -20.20
CA ASP A 144 -26.32 20.77 -20.36
C ASP A 144 -26.99 19.63 -19.60
N ILE A 145 -26.37 18.46 -19.56
CA ILE A 145 -26.91 17.36 -18.77
C ILE A 145 -26.93 17.73 -17.29
N LEU A 146 -25.79 18.22 -16.78
CA LEU A 146 -25.69 18.52 -15.36
C LEU A 146 -26.62 19.65 -14.96
N ALA A 147 -26.86 20.61 -15.86
CA ALA A 147 -27.74 21.73 -15.54
C ALA A 147 -29.15 21.25 -15.23
N ASP A 148 -29.62 20.23 -15.93
CA ASP A 148 -30.97 19.70 -15.76
C ASP A 148 -31.00 18.41 -14.95
N ALA A 149 -29.86 17.95 -14.45
CA ALA A 149 -29.80 16.67 -13.76
C ALA A 149 -30.30 16.83 -12.33
N PRO A 150 -31.26 16.01 -11.89
CA PRO A 150 -31.64 16.03 -10.48
C PRO A 150 -30.47 15.73 -9.55
N GLU A 151 -29.57 14.83 -9.95
CA GLU A 151 -28.35 14.61 -9.18
C GLU A 151 -27.51 15.88 -9.12
N SER A 152 -27.63 16.75 -10.13
CA SER A 152 -27.19 18.14 -10.06
C SER A 152 -25.69 18.38 -10.17
N GLN A 153 -25.36 19.58 -10.60
CA GLN A 153 -23.99 20.06 -10.69
C GLN A 153 -23.56 20.84 -9.45
N ASN A 154 -24.38 20.87 -8.40
CA ASN A 154 -24.01 21.53 -7.17
C ASN A 154 -23.06 20.70 -6.31
N ASN A 155 -22.73 19.48 -6.75
CA ASN A 155 -21.72 18.67 -6.09
C ASN A 155 -20.57 18.32 -7.02
N CYS A 156 -20.40 19.05 -8.13
CA CYS A 156 -19.26 18.84 -9.00
C CYS A 156 -18.99 20.12 -9.79
N ARG A 157 -17.73 20.30 -10.17
CA ARG A 157 -17.27 21.47 -10.92
C ARG A 157 -16.51 21.02 -12.15
N LEU A 158 -16.91 21.51 -13.31
CA LEU A 158 -16.18 21.22 -14.55
C LEU A 158 -15.09 22.27 -14.74
N ILE A 159 -13.89 21.81 -15.07
CA ILE A 159 -12.72 22.68 -15.23
C ILE A 159 -12.18 22.42 -16.63
N ALA A 160 -12.69 23.17 -17.61
CA ALA A 160 -12.28 23.02 -19.01
C ALA A 160 -11.23 24.06 -19.36
N TYR A 161 -10.23 23.64 -20.15
CA TYR A 161 -9.07 24.48 -20.40
C TYR A 161 -8.28 23.90 -21.57
N GLN A 162 -7.41 24.74 -22.14
CA GLN A 162 -6.44 24.27 -23.14
C GLN A 162 -5.04 24.62 -22.66
N GLU A 163 -4.16 25.01 -23.59
CA GLU A 163 -2.78 25.35 -23.24
C GLU A 163 -2.41 26.74 -23.75
N SER A 168 4.93 30.11 -22.96
CA SER A 168 4.09 30.46 -21.82
C SER A 168 3.96 29.28 -20.86
N SER A 169 3.99 29.58 -19.56
CA SER A 169 3.82 28.57 -18.54
C SER A 169 2.34 28.47 -18.16
N PHE A 170 1.82 27.25 -18.22
CA PHE A 170 0.46 26.95 -17.81
C PHE A 170 0.51 26.19 -16.48
N SER A 171 -0.25 26.66 -15.50
CA SER A 171 -0.28 26.04 -14.17
C SER A 171 -1.65 25.39 -13.97
N LEU A 172 -1.67 24.06 -13.94
CA LEU A 172 -2.91 23.35 -13.64
C LEU A 172 -3.34 23.58 -12.21
N SER A 173 -2.38 23.56 -11.27
CA SER A 173 -2.70 23.82 -9.87
C SER A 173 -3.36 25.18 -9.70
N GLN A 174 -2.80 26.21 -10.34
CA GLN A 174 -3.43 27.52 -10.30
C GLN A 174 -4.79 27.50 -11.00
N GLU A 175 -4.93 26.70 -12.06
CA GLU A 175 -6.21 26.56 -12.72
C GLU A 175 -7.26 26.02 -11.76
N VAL A 176 -6.93 24.96 -11.02
CA VAL A 176 -7.87 24.40 -10.06
C VAL A 176 -8.10 25.36 -8.90
N LEU A 177 -7.03 26.01 -8.43
CA LEU A 177 -7.16 26.91 -7.29
C LEU A 177 -8.09 28.07 -7.61
N ARG A 178 -8.08 28.56 -8.85
CA ARG A 178 -9.00 29.62 -9.21
C ARG A 178 -10.46 29.18 -9.08
N HIS A 179 -10.75 27.94 -9.46
CA HIS A 179 -12.11 27.42 -9.29
C HIS A 179 -12.40 27.11 -7.82
N LEU A 180 -11.41 26.58 -7.10
CA LEU A 180 -11.62 26.19 -5.72
C LEU A 180 -11.93 27.40 -4.83
N ARG A 181 -11.43 28.58 -5.19
CA ARG A 181 -11.63 29.79 -4.41
C ARG A 181 -12.89 30.55 -4.80
N GLN A 182 -13.86 29.89 -5.44
CA GLN A 182 -15.06 30.57 -5.88
C GLN A 182 -16.30 30.02 -5.18
N GLU A 183 -16.35 30.12 -3.87
CA GLU A 183 -17.48 29.62 -3.09
C GLU A 183 -18.71 30.49 -3.27
N SER B 1 -20.46 8.37 -34.95
CA SER B 1 -21.76 7.95 -34.42
C SER B 1 -21.69 7.65 -32.91
N VAL B 2 -22.87 7.53 -32.29
CA VAL B 2 -22.94 7.20 -30.87
C VAL B 2 -22.27 5.86 -30.59
N ALA B 3 -22.64 4.82 -31.35
CA ALA B 3 -22.11 3.48 -31.09
C ALA B 3 -20.61 3.41 -31.33
N HIS B 4 -20.10 4.18 -32.29
CA HIS B 4 -18.68 4.14 -32.59
C HIS B 4 -17.85 4.58 -31.39
N GLY B 5 -18.29 5.65 -30.73
CA GLY B 5 -17.57 6.11 -29.56
C GLY B 5 -17.71 5.16 -28.38
N LEU B 6 -18.91 4.60 -28.19
CA LEU B 6 -19.12 3.67 -27.09
C LEU B 6 -18.29 2.41 -27.26
N ALA B 7 -18.17 1.91 -28.50
CA ALA B 7 -17.40 0.70 -28.74
C ALA B 7 -15.92 0.93 -28.49
N TRP B 8 -15.39 2.07 -28.94
CA TRP B 8 -13.98 2.36 -28.72
C TRP B 8 -13.69 2.62 -27.25
N SER B 9 -14.65 3.18 -26.51
CA SER B 9 -14.42 3.40 -25.08
C SER B 9 -14.48 2.09 -24.30
N TYR B 10 -15.39 1.19 -24.68
CA TYR B 10 -15.45 -0.13 -24.07
C TYR B 10 -14.12 -0.86 -24.23
N TYR B 11 -13.50 -0.73 -25.40
CA TYR B 11 -12.19 -1.35 -25.62
C TYR B 11 -11.07 -0.57 -24.94
N ILE B 12 -10.96 0.72 -25.24
CA ILE B 12 -9.85 1.52 -24.71
C ILE B 12 -9.86 1.53 -23.20
N GLY B 13 -11.02 1.75 -22.60
CA GLY B 13 -11.11 1.92 -21.16
C GLY B 13 -11.41 0.68 -20.35
N TYR B 14 -11.53 -0.49 -20.98
CA TYR B 14 -11.92 -1.67 -20.23
C TYR B 14 -11.28 -2.95 -20.77
N LEU B 15 -11.74 -3.42 -21.93
CA LEU B 15 -11.28 -4.72 -22.42
C LEU B 15 -9.77 -4.75 -22.60
N ARG B 16 -9.21 -3.69 -23.17
CA ARG B 16 -7.76 -3.61 -23.36
C ARG B 16 -7.00 -3.74 -22.05
N LEU B 17 -7.59 -3.34 -20.93
CA LEU B 17 -6.95 -3.36 -19.64
C LEU B 17 -7.13 -4.69 -18.91
N ILE B 18 -8.32 -5.30 -18.99
CA ILE B 18 -8.59 -6.49 -18.19
C ILE B 18 -8.39 -7.79 -18.96
N LEU B 19 -8.49 -7.79 -20.29
CA LEU B 19 -8.28 -9.02 -21.04
C LEU B 19 -6.87 -9.59 -20.89
N PRO B 20 -5.78 -8.82 -20.97
CA PRO B 20 -4.44 -9.41 -20.81
C PRO B 20 -4.19 -10.02 -19.43
N GLU B 21 -5.01 -9.68 -18.43
CA GLU B 21 -4.84 -10.17 -17.07
C GLU B 21 -5.89 -11.19 -16.68
N LEU B 22 -6.87 -11.43 -17.54
CA LEU B 22 -8.00 -12.28 -17.17
C LEU B 22 -7.56 -13.72 -16.95
N GLN B 23 -6.64 -14.21 -17.77
CA GLN B 23 -6.17 -15.59 -17.62
C GLN B 23 -5.54 -15.82 -16.26
N ALA B 24 -4.67 -14.90 -15.83
CA ALA B 24 -4.02 -15.04 -14.54
C ALA B 24 -5.03 -14.97 -13.41
N ARG B 25 -6.07 -14.14 -13.55
CA ARG B 25 -7.05 -13.98 -12.48
C ARG B 25 -7.92 -15.22 -12.32
N ILE B 26 -8.26 -15.86 -13.43
CA ILE B 26 -9.12 -17.04 -13.38
C ILE B 26 -8.34 -18.22 -12.83
N ARG B 27 -7.06 -18.36 -13.21
CA ARG B 27 -6.25 -19.44 -12.67
C ARG B 27 -6.01 -19.26 -11.17
N THR B 28 -5.90 -18.01 -10.71
CA THR B 28 -5.80 -17.77 -9.28
C THR B 28 -7.06 -18.23 -8.56
N TYR B 29 -8.24 -17.93 -9.13
CA TYR B 29 -9.48 -18.31 -8.47
C TYR B 29 -9.63 -19.84 -8.38
N ASN B 30 -9.33 -20.55 -9.47
CA ASN B 30 -9.53 -21.99 -9.47
C ASN B 30 -8.60 -22.70 -8.48
N GLN B 31 -7.40 -22.16 -8.27
CA GLN B 31 -6.42 -22.83 -7.41
C GLN B 31 -6.62 -22.53 -5.93
N HIS B 32 -7.21 -21.38 -5.58
CA HIS B 32 -7.29 -20.96 -4.19
C HIS B 32 -8.72 -20.72 -3.72
N TYR B 33 -9.51 -19.89 -4.42
CA TYR B 33 -10.77 -19.42 -3.86
C TYR B 33 -11.95 -20.33 -4.16
N ASN B 34 -11.80 -21.27 -5.09
CA ASN B 34 -12.93 -22.12 -5.45
C ASN B 34 -13.20 -23.14 -4.34
N ASN B 35 -14.47 -23.28 -3.95
CA ASN B 35 -14.85 -24.31 -2.99
C ASN B 35 -14.48 -25.68 -3.53
N LEU B 36 -14.38 -26.65 -2.62
CA LEU B 36 -13.89 -27.98 -2.98
C LEU B 36 -14.77 -28.61 -4.06
N LEU B 37 -16.09 -28.48 -3.93
CA LEU B 37 -17.01 -29.19 -4.82
C LEU B 37 -17.52 -28.33 -5.96
N ARG B 38 -16.97 -27.13 -6.15
CA ARG B 38 -17.41 -26.26 -7.22
C ARG B 38 -16.46 -26.35 -8.42
N GLY B 39 -17.02 -26.05 -9.59
CA GLY B 39 -16.31 -26.33 -10.83
C GLY B 39 -15.26 -25.31 -11.16
N ALA B 40 -14.29 -25.77 -11.94
CA ALA B 40 -13.31 -24.86 -12.53
C ALA B 40 -14.05 -23.79 -13.32
N VAL B 41 -13.67 -22.53 -13.08
CA VAL B 41 -14.20 -21.44 -13.88
C VAL B 41 -13.59 -21.53 -15.28
N SER B 42 -14.46 -21.61 -16.28
CA SER B 42 -14.00 -21.59 -17.66
C SER B 42 -13.20 -20.33 -17.93
N GLN B 43 -12.26 -20.43 -18.86
CA GLN B 43 -11.54 -19.24 -19.30
C GLN B 43 -12.47 -18.35 -20.12
N ARG B 44 -11.96 -17.18 -20.49
CA ARG B 44 -12.63 -16.19 -21.34
C ARG B 44 -13.73 -15.41 -20.64
N LEU B 45 -13.84 -14.13 -20.97
CA LEU B 45 -14.94 -13.29 -20.50
C LEU B 45 -16.10 -13.44 -21.47
N TYR B 46 -17.27 -13.82 -20.97
CA TYR B 46 -18.46 -13.94 -21.79
C TYR B 46 -19.30 -12.68 -21.64
N ILE B 47 -19.45 -11.95 -22.74
CA ILE B 47 -20.04 -10.62 -22.77
C ILE B 47 -21.43 -10.72 -23.39
N LEU B 48 -22.46 -10.41 -22.62
CA LEU B 48 -23.85 -10.46 -23.08
C LEU B 48 -24.23 -9.18 -23.79
N LEU B 49 -24.77 -9.32 -24.99
CA LEU B 49 -25.11 -8.19 -25.87
C LEU B 49 -26.57 -8.30 -26.28
N PRO B 50 -27.50 -8.01 -25.37
CA PRO B 50 -28.92 -7.99 -25.76
C PRO B 50 -29.20 -6.80 -26.67
N LEU B 51 -29.69 -7.09 -27.86
CA LEU B 51 -29.89 -6.02 -28.84
C LEU B 51 -31.01 -5.07 -28.42
N ASP B 52 -31.92 -5.52 -27.56
CA ASP B 52 -32.92 -4.60 -27.03
C ASP B 52 -32.37 -3.73 -25.90
N CYS B 53 -31.09 -3.87 -25.57
CA CYS B 53 -30.42 -3.09 -24.54
C CYS B 53 -31.08 -3.24 -23.18
N GLY B 54 -31.82 -4.33 -22.97
CA GLY B 54 -32.37 -4.62 -21.67
C GLY B 54 -31.30 -5.20 -20.77
N VAL B 55 -30.81 -4.41 -19.83
CA VAL B 55 -29.74 -4.80 -18.93
C VAL B 55 -30.25 -4.70 -17.50
N PRO B 56 -30.57 -5.83 -16.87
CA PRO B 56 -30.90 -5.80 -15.45
C PRO B 56 -29.65 -5.61 -14.62
N ASP B 57 -29.81 -4.90 -13.50
CA ASP B 57 -28.67 -4.69 -12.62
C ASP B 57 -28.22 -5.99 -11.96
N ASN B 58 -29.13 -6.94 -11.77
CA ASN B 58 -28.82 -8.22 -11.14
C ASN B 58 -29.05 -9.31 -12.18
N LEU B 59 -27.96 -9.81 -12.76
CA LEU B 59 -28.06 -10.91 -13.70
C LEU B 59 -28.54 -12.18 -13.02
N SER B 60 -28.10 -12.43 -11.80
CA SER B 60 -28.49 -13.60 -11.01
C SER B 60 -29.98 -13.58 -10.70
N PRO B 64 -33.44 -18.01 -13.75
CA PRO B 64 -33.27 -18.86 -12.57
C PRO B 64 -32.07 -19.81 -12.71
N ASN B 65 -31.75 -20.21 -13.94
CA ASN B 65 -30.64 -21.13 -14.20
C ASN B 65 -29.28 -20.45 -14.21
N ILE B 66 -29.19 -19.19 -13.77
CA ILE B 66 -27.95 -18.44 -13.66
C ILE B 66 -27.83 -17.99 -12.22
N ARG B 67 -26.84 -18.53 -11.51
CA ARG B 67 -26.67 -18.26 -10.09
C ARG B 67 -25.30 -17.64 -9.86
N PHE B 68 -25.30 -16.49 -9.18
CA PHE B 68 -24.04 -15.86 -8.79
C PHE B 68 -23.30 -16.74 -7.78
N LEU B 69 -22.02 -16.98 -8.05
CA LEU B 69 -21.18 -17.79 -7.19
C LEU B 69 -20.21 -16.97 -6.34
N ASP B 70 -19.41 -16.12 -6.98
CA ASP B 70 -18.32 -15.45 -6.30
C ASP B 70 -17.76 -14.39 -7.25
N LYS B 71 -16.83 -13.60 -6.73
CA LYS B 71 -16.10 -12.64 -7.53
C LYS B 71 -14.67 -13.13 -7.77
N LEU B 72 -14.08 -12.72 -8.88
CA LEU B 72 -12.67 -12.95 -9.11
C LEU B 72 -11.85 -12.06 -8.16
N PRO B 73 -10.57 -12.35 -7.99
CA PRO B 73 -9.69 -11.36 -7.36
C PRO B 73 -9.72 -10.05 -8.13
N GLN B 74 -9.69 -8.94 -7.39
CA GLN B 74 -9.78 -7.63 -7.98
C GLN B 74 -8.54 -7.31 -8.80
N GLN B 75 -8.72 -6.50 -9.84
CA GLN B 75 -7.63 -5.92 -10.60
C GLN B 75 -7.67 -4.41 -10.38
N THR B 76 -6.52 -3.83 -10.02
CA THR B 76 -6.44 -2.41 -9.73
C THR B 76 -5.39 -1.76 -10.61
N GLY B 77 -5.60 -0.48 -10.90
CA GLY B 77 -4.63 0.33 -11.61
C GLY B 77 -4.96 1.80 -11.46
N ASP B 78 -3.96 2.62 -11.74
CA ASP B 78 -4.14 4.08 -11.70
C ASP B 78 -4.60 4.55 -13.07
N HIS B 79 -5.70 5.32 -13.09
CA HIS B 79 -6.27 5.80 -14.35
C HIS B 79 -6.87 7.18 -14.14
N ALA B 80 -6.47 8.13 -14.99
CA ALA B 80 -7.08 9.45 -15.05
C ALA B 80 -7.07 10.16 -13.70
N GLY B 81 -6.02 9.96 -12.91
CA GLY B 81 -5.91 10.61 -11.63
C GLY B 81 -6.62 9.91 -10.49
N ILE B 82 -7.30 8.80 -10.76
CA ILE B 82 -7.87 7.97 -9.70
C ILE B 82 -6.85 6.89 -9.36
N LYS B 83 -6.35 6.92 -8.13
CA LYS B 83 -5.41 5.92 -7.67
C LYS B 83 -6.14 4.62 -7.36
N ASP B 84 -5.59 3.51 -7.84
CA ASP B 84 -6.09 2.18 -7.54
C ASP B 84 -7.56 2.04 -7.92
N ARG B 85 -7.90 2.45 -9.15
CA ARG B 85 -9.20 2.12 -9.70
C ARG B 85 -9.36 0.61 -9.76
N VAL B 86 -10.51 0.11 -9.34
CA VAL B 86 -10.75 -1.31 -9.13
C VAL B 86 -11.61 -1.85 -10.28
N TYR B 87 -11.19 -2.98 -10.84
CA TYR B 87 -11.94 -3.70 -11.86
C TYR B 87 -12.27 -5.08 -11.33
N SER B 88 -13.57 -5.38 -11.25
CA SER B 88 -14.06 -6.62 -10.66
C SER B 88 -14.96 -7.36 -11.65
N ASN B 89 -14.94 -8.69 -11.56
CA ASN B 89 -15.76 -9.54 -12.43
C ASN B 89 -16.41 -10.64 -11.61
N SER B 90 -17.57 -11.10 -12.06
CA SER B 90 -18.41 -12.02 -11.31
C SER B 90 -18.45 -13.38 -11.99
N ILE B 91 -18.44 -14.44 -11.18
CA ILE B 91 -18.49 -15.82 -11.66
C ILE B 91 -19.91 -16.33 -11.51
N TYR B 92 -20.40 -17.04 -12.53
CA TYR B 92 -21.77 -17.54 -12.50
C TYR B 92 -21.82 -19.04 -12.79
N GLU B 93 -22.73 -19.71 -12.09
CA GLU B 93 -23.06 -21.11 -12.34
C GLU B 93 -24.25 -21.19 -13.28
N LEU B 94 -24.16 -22.07 -14.28
CA LEU B 94 -25.22 -22.22 -15.27
C LEU B 94 -25.89 -23.58 -15.07
N LEU B 95 -27.16 -23.56 -14.68
CA LEU B 95 -27.93 -24.76 -14.45
C LEU B 95 -28.69 -25.17 -15.71
N GLU B 96 -28.81 -26.49 -15.90
CA GLU B 96 -29.57 -27.06 -17.00
C GLU B 96 -30.25 -28.32 -16.51
N ASN B 97 -31.58 -28.35 -16.56
CA ASN B 97 -32.37 -29.46 -16.03
C ASN B 97 -32.03 -29.72 -14.57
N GLY B 98 -31.76 -28.66 -13.82
CA GLY B 98 -31.44 -28.77 -12.41
C GLY B 98 -30.01 -29.19 -12.11
N GLN B 99 -29.22 -29.52 -13.12
CA GLN B 99 -27.84 -29.96 -12.95
C GLN B 99 -26.90 -28.86 -13.41
N ARG B 100 -25.73 -28.75 -12.76
CA ARG B 100 -24.77 -27.73 -13.16
C ARG B 100 -24.15 -28.11 -14.50
N ALA B 101 -24.27 -27.21 -15.47
CA ALA B 101 -23.74 -27.45 -16.81
C ALA B 101 -22.50 -26.63 -17.11
N GLY B 102 -22.18 -25.61 -16.32
CA GLY B 102 -21.02 -24.79 -16.60
C GLY B 102 -20.84 -23.71 -15.56
N THR B 103 -19.64 -23.12 -15.56
CA THR B 103 -19.29 -22.02 -14.68
C THR B 103 -18.40 -21.07 -15.47
N CYS B 104 -18.69 -19.77 -15.43
CA CYS B 104 -17.98 -18.85 -16.30
C CYS B 104 -18.06 -17.42 -15.76
N VAL B 105 -17.13 -16.60 -16.23
CA VAL B 105 -17.14 -15.17 -15.95
C VAL B 105 -18.04 -14.50 -16.98
N LEU B 106 -19.03 -13.76 -16.50
CA LEU B 106 -20.19 -13.41 -17.29
C LEU B 106 -20.64 -12.00 -16.95
N GLU B 107 -20.92 -11.18 -17.96
CA GLU B 107 -21.45 -9.85 -17.70
C GLU B 107 -22.08 -9.25 -18.95
N TYR B 108 -23.00 -8.32 -18.71
CA TYR B 108 -23.54 -7.48 -19.77
C TYR B 108 -22.52 -6.43 -20.20
N ALA B 109 -22.59 -6.05 -21.47
CA ALA B 109 -21.79 -4.94 -21.97
C ALA B 109 -22.39 -3.65 -21.44
N THR B 110 -21.67 -2.97 -20.55
CA THR B 110 -22.21 -1.78 -19.91
C THR B 110 -22.67 -0.70 -20.87
N PRO B 111 -22.03 -0.44 -22.01
CA PRO B 111 -22.52 0.64 -22.90
C PRO B 111 -23.96 0.44 -23.37
N LEU B 112 -24.47 -0.80 -23.37
CA LEU B 112 -25.86 -1.01 -23.77
C LEU B 112 -26.82 -0.38 -22.78
N GLN B 113 -26.43 -0.30 -21.51
CA GLN B 113 -27.21 0.42 -20.52
C GLN B 113 -27.22 1.92 -20.81
N THR B 114 -26.14 2.44 -21.41
CA THR B 114 -26.14 3.84 -21.83
C THR B 114 -27.07 4.07 -23.01
N LEU B 115 -27.08 3.15 -23.98
CA LEU B 115 -28.01 3.26 -25.10
C LEU B 115 -29.45 3.19 -24.62
N PHE B 116 -29.76 2.31 -23.67
CA PHE B 116 -31.11 2.24 -23.15
C PHE B 116 -31.49 3.53 -22.43
N ALA B 117 -30.59 4.07 -21.61
CA ALA B 117 -30.90 5.30 -20.88
C ALA B 117 -31.12 6.46 -21.85
N MET B 118 -30.33 6.52 -22.92
CA MET B 118 -30.49 7.61 -23.88
C MET B 118 -31.85 7.54 -24.58
N SER B 119 -32.35 6.33 -24.84
CA SER B 119 -33.68 6.21 -25.42
C SER B 119 -34.76 6.61 -24.43
N GLN B 120 -34.50 6.45 -23.14
CA GLN B 120 -35.50 6.78 -22.12
C GLN B 120 -35.62 8.28 -21.88
N TYR B 121 -34.53 9.03 -22.02
CA TYR B 121 -34.47 10.42 -21.59
C TYR B 121 -34.66 11.35 -22.79
N SER B 122 -35.65 12.24 -22.67
CA SER B 122 -36.01 13.13 -23.78
C SER B 122 -34.86 14.05 -24.16
N GLN B 123 -34.07 14.51 -23.19
CA GLN B 123 -32.97 15.42 -23.49
C GLN B 123 -31.90 14.77 -24.36
N ALA B 124 -31.86 13.44 -24.44
CA ALA B 124 -30.85 12.79 -25.29
C ALA B 124 -31.21 12.87 -26.78
N GLY B 125 -32.47 13.10 -27.11
CA GLY B 125 -32.90 13.18 -28.50
C GLY B 125 -32.63 11.91 -29.28
N PHE B 126 -32.95 10.77 -28.68
CA PHE B 126 -32.46 9.48 -29.13
C PHE B 126 -33.62 8.49 -29.06
N SER B 127 -34.13 8.07 -30.22
CA SER B 127 -35.33 7.26 -30.26
C SER B 127 -35.04 5.78 -30.03
N ARG B 128 -36.11 5.02 -29.76
CA ARG B 128 -35.95 3.58 -29.62
C ARG B 128 -35.49 2.93 -30.92
N GLU B 129 -35.90 3.50 -32.07
CA GLU B 129 -35.37 3.02 -33.34
C GLU B 129 -33.89 3.30 -33.45
N ASP B 130 -33.47 4.53 -33.11
CA ASP B 130 -32.05 4.85 -33.02
C ASP B 130 -31.32 3.84 -32.13
N ARG B 131 -31.97 3.37 -31.07
CA ARG B 131 -31.29 2.50 -30.11
C ARG B 131 -30.95 1.14 -30.72
N LEU B 132 -31.87 0.58 -31.51
CA LEU B 132 -31.61 -0.72 -32.12
C LEU B 132 -30.50 -0.64 -33.15
N GLU B 133 -30.56 0.39 -34.01
CA GLU B 133 -29.50 0.63 -34.99
C GLU B 133 -28.15 0.79 -34.30
N GLN B 134 -28.09 1.58 -33.23
CA GLN B 134 -26.82 1.82 -32.57
C GLN B 134 -26.34 0.59 -31.80
N ALA B 135 -27.27 -0.23 -31.28
CA ALA B 135 -26.84 -1.44 -30.56
C ALA B 135 -26.14 -2.41 -31.51
N LYS B 136 -26.73 -2.66 -32.68
CA LYS B 136 -26.09 -3.50 -33.67
C LYS B 136 -24.76 -2.90 -34.13
N LEU B 137 -24.73 -1.58 -34.35
CA LEU B 137 -23.50 -0.93 -34.77
C LEU B 137 -22.43 -1.03 -33.68
N PHE B 138 -22.84 -0.92 -32.41
CA PHE B 138 -21.90 -1.14 -31.33
C PHE B 138 -21.28 -2.53 -31.41
N CYS B 139 -22.12 -3.56 -31.63
CA CYS B 139 -21.60 -4.93 -31.65
C CYS B 139 -20.68 -5.15 -32.85
N ARG B 140 -21.03 -4.59 -34.01
CA ARG B 140 -20.16 -4.74 -35.19
C ARG B 140 -18.83 -4.03 -34.98
N THR B 141 -18.85 -2.83 -34.43
CA THR B 141 -17.59 -2.10 -34.23
C THR B 141 -16.69 -2.83 -33.24
N LEU B 142 -17.28 -3.33 -32.15
CA LEU B 142 -16.51 -4.05 -31.14
C LEU B 142 -15.89 -5.32 -31.72
N GLU B 143 -16.65 -6.04 -32.55
CA GLU B 143 -16.10 -7.24 -33.19
C GLU B 143 -14.92 -6.89 -34.09
N ASP B 144 -15.06 -5.84 -34.90
CA ASP B 144 -13.98 -5.44 -35.79
C ASP B 144 -12.78 -4.93 -35.02
N ILE B 145 -12.99 -4.25 -33.90
CA ILE B 145 -11.88 -3.82 -33.06
C ILE B 145 -11.15 -5.03 -32.50
N LEU B 146 -11.90 -5.98 -31.94
CA LEU B 146 -11.28 -7.13 -31.29
C LEU B 146 -10.56 -8.03 -32.29
N ALA B 147 -11.05 -8.07 -33.54
CA ALA B 147 -10.44 -8.94 -34.54
C ALA B 147 -9.00 -8.53 -34.81
N ASP B 148 -8.71 -7.24 -34.74
CA ASP B 148 -7.37 -6.73 -34.97
C ASP B 148 -6.70 -6.28 -33.68
N ALA B 149 -7.31 -6.56 -32.53
CA ALA B 149 -6.70 -6.10 -31.28
C ALA B 149 -5.68 -7.10 -30.77
N PRO B 150 -4.51 -6.63 -30.32
CA PRO B 150 -3.54 -7.56 -29.71
C PRO B 150 -4.03 -8.21 -28.42
N GLU B 151 -4.62 -7.43 -27.50
CA GLU B 151 -5.25 -8.02 -26.32
C GLU B 151 -6.29 -9.08 -26.72
N SER B 152 -7.05 -8.78 -27.78
CA SER B 152 -7.62 -9.81 -28.65
C SER B 152 -8.87 -10.52 -28.13
N GLN B 153 -9.60 -11.06 -29.09
CA GLN B 153 -10.88 -11.74 -28.94
C GLN B 153 -10.76 -13.15 -28.37
N ASN B 154 -9.55 -13.68 -28.23
CA ASN B 154 -9.39 -15.05 -27.72
C ASN B 154 -9.51 -15.11 -26.21
N ASN B 155 -9.66 -13.97 -25.53
CA ASN B 155 -9.96 -13.93 -24.11
C ASN B 155 -11.41 -13.55 -23.83
N CYS B 156 -12.23 -13.37 -24.86
CA CYS B 156 -13.63 -13.04 -24.58
C CYS B 156 -14.53 -13.47 -25.73
N ARG B 157 -15.78 -13.75 -25.40
CA ARG B 157 -16.76 -14.19 -26.39
C ARG B 157 -17.96 -13.25 -26.35
N LEU B 158 -18.33 -12.73 -27.51
CA LEU B 158 -19.48 -11.85 -27.63
C LEU B 158 -20.73 -12.68 -27.88
N ILE B 159 -21.75 -12.48 -27.04
CA ILE B 159 -23.00 -13.24 -27.11
C ILE B 159 -24.10 -12.24 -27.41
N ALA B 160 -24.39 -12.04 -28.69
CA ALA B 160 -25.46 -11.13 -29.13
C ALA B 160 -26.72 -11.94 -29.39
N TYR B 161 -27.86 -11.36 -29.06
CA TYR B 161 -29.13 -12.05 -29.18
C TYR B 161 -30.26 -11.04 -29.13
N GLN B 162 -31.36 -11.38 -29.79
CA GLN B 162 -32.54 -10.54 -29.86
C GLN B 162 -33.73 -11.28 -29.24
N GLU B 163 -34.67 -10.51 -28.71
CA GLU B 163 -35.80 -11.09 -28.00
C GLU B 163 -37.14 -10.58 -28.52
N SER B 169 -40.31 -17.01 -24.99
CA SER B 169 -39.68 -17.73 -23.89
C SER B 169 -38.21 -18.02 -24.17
N PHE B 170 -37.46 -16.95 -24.46
CA PHE B 170 -36.02 -17.04 -24.65
C PHE B 170 -35.36 -17.44 -23.34
N SER B 171 -34.35 -18.31 -23.43
CA SER B 171 -33.63 -18.81 -22.28
C SER B 171 -32.18 -18.31 -22.34
N LEU B 172 -31.81 -17.46 -21.37
CA LEU B 172 -30.46 -16.89 -21.38
C LEU B 172 -29.40 -17.94 -21.03
N SER B 173 -29.70 -18.84 -20.09
CA SER B 173 -28.75 -19.89 -19.73
C SER B 173 -28.38 -20.75 -20.93
N GLN B 174 -29.38 -21.20 -21.69
CA GLN B 174 -29.10 -22.01 -22.88
C GLN B 174 -28.31 -21.23 -23.91
N GLU B 175 -28.51 -19.91 -23.99
CA GLU B 175 -27.72 -19.09 -24.91
C GLU B 175 -26.24 -19.13 -24.52
N VAL B 176 -25.95 -18.88 -23.24
CA VAL B 176 -24.55 -18.91 -22.80
C VAL B 176 -23.98 -20.32 -22.89
N LEU B 177 -24.76 -21.33 -22.52
CA LEU B 177 -24.27 -22.70 -22.58
C LEU B 177 -23.91 -23.10 -24.00
N ARG B 178 -24.65 -22.60 -25.00
CA ARG B 178 -24.32 -22.90 -26.38
C ARG B 178 -22.94 -22.36 -26.75
N HIS B 179 -22.59 -21.18 -26.25
CA HIS B 179 -21.26 -20.65 -26.49
C HIS B 179 -20.22 -21.35 -25.63
N LEU B 180 -20.58 -21.70 -24.39
CA LEU B 180 -19.62 -22.30 -23.47
C LEU B 180 -19.26 -23.72 -23.89
N ARG B 181 -20.16 -24.41 -24.60
CA ARG B 181 -19.91 -25.76 -25.09
C ARG B 181 -19.27 -25.77 -26.47
N GLN B 182 -18.40 -24.80 -26.77
CA GLN B 182 -17.80 -24.61 -28.09
C GLN B 182 -18.84 -24.18 -29.12
N SER C 1 19.46 -10.59 34.16
CA SER C 1 20.51 -11.21 33.36
C SER C 1 20.57 -10.60 31.97
N VAL C 2 21.61 -10.96 31.22
CA VAL C 2 21.73 -10.53 29.84
C VAL C 2 20.49 -10.92 29.05
N ALA C 3 20.07 -12.20 29.17
CA ALA C 3 18.97 -12.68 28.36
C ALA C 3 17.64 -12.08 28.80
N HIS C 4 17.48 -11.79 30.09
CA HIS C 4 16.25 -11.18 30.57
C HIS C 4 15.99 -9.86 29.85
N GLY C 5 17.01 -9.00 29.77
CA GLY C 5 16.84 -7.72 29.10
C GLY C 5 16.65 -7.87 27.60
N LEU C 6 17.37 -8.80 26.97
CA LEU C 6 17.25 -8.96 25.52
C LEU C 6 15.87 -9.51 25.15
N ALA C 7 15.31 -10.39 25.97
CA ALA C 7 13.99 -10.93 25.68
C ALA C 7 12.92 -9.84 25.80
N TRP C 8 12.96 -9.06 26.89
CA TRP C 8 12.00 -7.98 27.03
C TRP C 8 12.18 -6.93 25.96
N SER C 9 13.42 -6.69 25.54
CA SER C 9 13.67 -5.76 24.46
C SER C 9 13.07 -6.26 23.14
N TYR C 10 13.20 -7.55 22.87
CA TYR C 10 12.67 -8.11 21.63
C TYR C 10 11.15 -7.96 21.58
N TYR C 11 10.48 -8.20 22.70
CA TYR C 11 9.03 -8.05 22.75
C TYR C 11 8.61 -6.58 22.72
N ILE C 12 9.13 -5.78 23.64
CA ILE C 12 8.69 -4.39 23.78
C ILE C 12 8.99 -3.60 22.51
N GLY C 13 10.20 -3.73 21.98
CA GLY C 13 10.63 -2.92 20.85
C GLY C 13 10.38 -3.50 19.47
N TYR C 14 9.73 -4.66 19.36
CA TYR C 14 9.56 -5.25 18.04
C TYR C 14 8.28 -6.08 17.92
N LEU C 15 8.21 -7.21 18.63
CA LEU C 15 7.09 -8.14 18.45
C LEU C 15 5.75 -7.48 18.78
N ARG C 16 5.67 -6.77 19.91
CA ARG C 16 4.39 -6.16 20.26
C ARG C 16 4.00 -5.06 19.27
N LEU C 17 4.91 -4.63 18.42
CA LEU C 17 4.63 -3.62 17.41
C LEU C 17 4.17 -4.22 16.09
N ILE C 18 4.72 -5.37 15.69
CA ILE C 18 4.43 -5.90 14.36
C ILE C 18 3.45 -7.06 14.41
N LEU C 19 3.41 -7.78 15.53
CA LEU C 19 2.53 -8.94 15.62
C LEU C 19 1.05 -8.59 15.52
N PRO C 20 0.53 -7.54 16.19
CA PRO C 20 -0.90 -7.22 16.04
C PRO C 20 -1.32 -6.85 14.63
N GLU C 21 -0.41 -6.34 13.82
CA GLU C 21 -0.72 -5.92 12.45
C GLU C 21 -0.19 -6.89 11.39
N LEU C 22 0.43 -8.00 11.81
CA LEU C 22 1.02 -8.90 10.83
C LEU C 22 -0.04 -9.61 9.99
N GLN C 23 -1.15 -10.02 10.63
CA GLN C 23 -2.17 -10.77 9.93
C GLN C 23 -2.78 -9.96 8.79
N ALA C 24 -2.99 -8.65 9.02
CA ALA C 24 -3.57 -7.80 7.99
C ALA C 24 -2.59 -7.57 6.84
N ARG C 25 -1.29 -7.46 7.15
CA ARG C 25 -0.30 -7.31 6.09
C ARG C 25 -0.25 -8.55 5.22
N ILE C 26 -0.31 -9.73 5.83
CA ILE C 26 -0.23 -10.98 5.08
C ILE C 26 -1.50 -11.19 4.27
N ARG C 27 -2.65 -10.79 4.82
CA ARG C 27 -3.90 -10.85 4.08
C ARG C 27 -3.84 -9.96 2.85
N THR C 28 -3.38 -8.72 3.02
CA THR C 28 -3.29 -7.78 1.90
C THR C 28 -2.33 -8.30 0.83
N TYR C 29 -1.19 -8.88 1.23
CA TYR C 29 -0.26 -9.44 0.26
C TYR C 29 -0.89 -10.59 -0.51
N ASN C 30 -1.63 -11.46 0.18
CA ASN C 30 -2.22 -12.63 -0.46
C ASN C 30 -3.40 -12.29 -1.37
N GLN C 31 -3.95 -11.07 -1.26
CA GLN C 31 -5.12 -10.70 -2.06
C GLN C 31 -4.76 -10.22 -3.45
N HIS C 32 -3.52 -9.79 -3.67
CA HIS C 32 -3.03 -9.54 -5.01
C HIS C 32 -2.78 -10.86 -5.72
N TYR C 33 -3.45 -11.08 -6.86
CA TYR C 33 -3.44 -12.39 -7.50
C TYR C 33 -2.08 -12.74 -8.10
N ASN C 34 -1.32 -11.75 -8.55
CA ASN C 34 0.02 -12.04 -9.06
C ASN C 34 0.95 -12.53 -7.95
N ASN C 35 0.73 -12.11 -6.71
CA ASN C 35 1.45 -12.70 -5.59
C ASN C 35 1.11 -14.16 -5.38
N LEU C 36 -0.05 -14.61 -5.87
CA LEU C 36 -0.43 -16.01 -5.71
C LEU C 36 0.05 -16.86 -6.89
N LEU C 37 1.16 -16.46 -7.52
CA LEU C 37 1.81 -17.28 -8.55
C LEU C 37 2.07 -18.69 -8.03
N ARG C 38 2.54 -18.81 -6.79
CA ARG C 38 2.80 -20.11 -6.17
C ARG C 38 2.43 -20.01 -4.70
N GLY C 39 1.25 -20.51 -4.35
CA GLY C 39 0.85 -20.63 -2.96
C GLY C 39 0.64 -19.32 -2.24
N ALA C 40 -0.22 -19.34 -1.22
CA ALA C 40 -0.38 -18.18 -0.38
C ALA C 40 0.71 -18.14 0.67
N VAL C 41 1.08 -16.93 1.08
CA VAL C 41 1.97 -16.76 2.22
C VAL C 41 1.21 -17.19 3.48
N SER C 42 1.75 -18.20 4.16
CA SER C 42 1.14 -18.67 5.40
C SER C 42 1.04 -17.53 6.41
N GLN C 43 0.12 -17.69 7.36
CA GLN C 43 0.04 -16.77 8.47
C GLN C 43 1.18 -17.03 9.45
N ARG C 44 1.26 -16.17 10.47
CA ARG C 44 2.25 -16.26 11.56
C ARG C 44 3.65 -15.83 11.16
N LEU C 45 4.37 -15.22 12.10
CA LEU C 45 5.79 -14.96 11.94
C LEU C 45 6.56 -16.16 12.48
N TYR C 46 7.45 -16.71 11.67
CA TYR C 46 8.27 -17.85 12.08
C TYR C 46 9.65 -17.33 12.47
N ILE C 47 10.01 -17.55 13.73
CA ILE C 47 11.20 -16.96 14.32
C ILE C 47 12.21 -18.07 14.59
N LEU C 48 13.37 -17.98 13.95
CA LEU C 48 14.41 -18.97 14.14
C LEU C 48 15.24 -18.64 15.37
N LEU C 49 15.45 -19.64 16.23
CA LEU C 49 16.19 -19.49 17.48
C LEU C 49 17.29 -20.54 17.53
N PRO C 50 18.38 -20.36 16.77
CA PRO C 50 19.51 -21.29 16.87
C PRO C 50 20.23 -21.10 18.20
N LEU C 51 20.20 -22.13 19.05
CA LEU C 51 20.77 -22.00 20.38
C LEU C 51 22.28 -21.76 20.35
N ASP C 52 22.96 -22.15 19.28
CA ASP C 52 24.37 -21.83 19.15
C ASP C 52 24.62 -20.45 18.57
N CYS C 53 23.55 -19.68 18.33
CA CYS C 53 23.62 -18.26 17.99
C CYS C 53 24.32 -17.98 16.67
N GLY C 54 24.37 -18.95 15.77
CA GLY C 54 24.88 -18.70 14.43
C GLY C 54 23.79 -18.09 13.57
N VAL C 55 23.92 -16.79 13.29
CA VAL C 55 22.90 -16.02 12.59
C VAL C 55 23.54 -15.43 11.34
N PRO C 56 23.37 -16.02 10.18
CA PRO C 56 23.93 -15.45 8.96
C PRO C 56 23.21 -14.15 8.61
N ASP C 57 23.96 -13.23 7.99
CA ASP C 57 23.32 -12.00 7.55
C ASP C 57 22.37 -12.24 6.40
N ASN C 58 22.61 -13.28 5.59
CA ASN C 58 21.74 -13.61 4.47
C ASN C 58 21.21 -15.03 4.67
N LEU C 59 19.92 -15.12 5.01
CA LEU C 59 19.29 -16.40 5.31
C LEU C 59 19.17 -17.27 4.07
N SER C 60 18.86 -16.66 2.92
CA SER C 60 18.56 -17.43 1.71
C SER C 60 19.80 -18.11 1.15
N MET C 61 20.97 -17.48 1.30
CA MET C 61 22.20 -18.07 0.77
C MET C 61 22.47 -19.43 1.41
N ALA C 62 22.39 -19.50 2.74
CA ALA C 62 22.53 -20.76 3.44
C ALA C 62 21.28 -21.61 3.24
N ASP C 63 21.49 -22.93 3.16
CA ASP C 63 20.47 -23.92 2.86
C ASP C 63 19.78 -23.58 1.54
N PRO C 64 20.15 -24.25 0.44
CA PRO C 64 19.54 -23.91 -0.85
C PRO C 64 18.04 -24.12 -0.90
N ASN C 65 17.47 -24.87 0.06
CA ASN C 65 16.04 -25.13 0.07
C ASN C 65 15.22 -23.96 0.63
N ILE C 66 15.84 -22.82 0.87
CA ILE C 66 15.15 -21.61 1.33
C ILE C 66 15.57 -20.49 0.39
N ARG C 67 14.63 -19.95 -0.38
CA ARG C 67 14.92 -18.92 -1.35
C ARG C 67 14.08 -17.68 -1.08
N PHE C 68 14.73 -16.51 -1.10
CA PHE C 68 14.03 -15.26 -0.90
C PHE C 68 13.08 -14.99 -2.05
N LEU C 69 11.83 -14.68 -1.72
CA LEU C 69 10.79 -14.39 -2.70
C LEU C 69 10.52 -12.89 -2.84
N ASP C 70 10.25 -12.21 -1.74
CA ASP C 70 9.72 -10.86 -1.79
C ASP C 70 9.72 -10.27 -0.39
N LYS C 71 9.58 -8.95 -0.33
CA LYS C 71 9.37 -8.24 0.91
C LYS C 71 7.88 -8.02 1.14
N LEU C 72 7.44 -8.24 2.37
CA LEU C 72 6.14 -7.76 2.79
C LEU C 72 6.15 -6.23 2.78
N PRO C 73 4.99 -5.60 2.57
CA PRO C 73 4.95 -4.13 2.63
C PRO C 73 5.41 -3.61 3.98
N GLN C 74 6.10 -2.47 3.97
CA GLN C 74 6.71 -1.92 5.16
C GLN C 74 5.66 -1.49 6.18
N GLN C 75 6.08 -1.45 7.44
CA GLN C 75 5.28 -0.95 8.55
C GLN C 75 6.07 0.14 9.26
N THR C 76 5.47 1.31 9.44
CA THR C 76 6.17 2.47 9.98
C THR C 76 5.47 3.01 11.23
N GLY C 77 6.24 3.75 12.01
CA GLY C 77 5.76 4.41 13.20
C GLY C 77 6.84 5.28 13.78
N ASP C 78 6.46 6.11 14.74
CA ASP C 78 7.39 7.01 15.43
C ASP C 78 7.77 6.42 16.79
N HIS C 79 9.07 6.41 17.08
CA HIS C 79 9.57 5.84 18.33
C HIS C 79 10.85 6.55 18.74
N ALA C 80 10.89 7.00 20.00
CA ALA C 80 12.11 7.51 20.62
C ALA C 80 12.72 8.68 19.85
N GLY C 81 11.89 9.48 19.19
CA GLY C 81 12.37 10.61 18.44
C GLY C 81 12.79 10.31 17.02
N ILE C 82 12.67 9.06 16.58
CA ILE C 82 12.92 8.69 15.19
C ILE C 82 11.57 8.66 14.50
N LYS C 83 11.36 9.58 13.56
CA LYS C 83 10.11 9.63 12.81
C LYS C 83 10.18 8.68 11.62
N ASP C 84 9.09 7.93 11.42
CA ASP C 84 8.97 6.97 10.32
C ASP C 84 10.03 5.89 10.39
N ARG C 85 10.22 5.33 11.59
CA ARG C 85 11.05 4.15 11.71
C ARG C 85 10.41 2.99 10.96
N VAL C 86 11.21 2.30 10.16
CA VAL C 86 10.71 1.30 9.21
C VAL C 86 10.99 -0.09 9.74
N TYR C 87 9.94 -0.92 9.82
CA TYR C 87 10.05 -2.33 10.13
C TYR C 87 9.61 -3.12 8.91
N SER C 88 10.51 -3.93 8.35
CA SER C 88 10.23 -4.73 7.17
C SER C 88 10.44 -6.20 7.47
N ASN C 89 9.69 -7.05 6.78
CA ASN C 89 9.80 -8.49 6.90
C ASN C 89 9.86 -9.11 5.51
N SER C 90 10.51 -10.27 5.42
CA SER C 90 10.82 -10.91 4.16
C SER C 90 10.08 -12.24 4.04
N ILE C 91 9.68 -12.58 2.81
CA ILE C 91 8.93 -13.78 2.50
C ILE C 91 9.87 -14.78 1.83
N TYR C 92 9.81 -16.03 2.29
CA TYR C 92 10.72 -17.06 1.80
C TYR C 92 9.94 -18.26 1.34
N GLU C 93 10.45 -18.92 0.30
CA GLU C 93 9.89 -20.18 -0.19
C GLU C 93 10.74 -21.34 0.29
N LEU C 94 10.07 -22.38 0.79
CA LEU C 94 10.74 -23.56 1.33
C LEU C 94 10.68 -24.68 0.29
N LEU C 95 11.85 -25.07 -0.21
CA LEU C 95 11.95 -26.11 -1.22
C LEU C 95 12.09 -27.49 -0.58
N GLU C 96 11.45 -28.47 -1.20
CA GLU C 96 11.53 -29.86 -0.77
C GLU C 96 11.52 -30.73 -2.02
N ASN C 97 12.60 -31.47 -2.25
CA ASN C 97 12.80 -32.21 -3.50
C ASN C 97 12.76 -31.27 -4.70
N GLY C 98 13.29 -30.06 -4.54
CA GLY C 98 13.27 -29.06 -5.58
C GLY C 98 11.93 -28.41 -5.83
N GLN C 99 10.87 -28.85 -5.16
CA GLN C 99 9.53 -28.32 -5.38
C GLN C 99 9.10 -27.46 -4.19
N ARG C 100 8.22 -26.49 -4.49
CA ARG C 100 7.69 -25.61 -3.45
C ARG C 100 6.86 -26.40 -2.45
N ALA C 101 7.27 -26.36 -1.18
CA ALA C 101 6.52 -27.01 -0.11
C ALA C 101 5.87 -26.03 0.85
N GLY C 102 6.23 -24.76 0.78
CA GLY C 102 5.65 -23.76 1.67
C GLY C 102 6.22 -22.39 1.38
N THR C 103 5.52 -21.38 1.90
CA THR C 103 5.94 -19.99 1.78
C THR C 103 5.54 -19.28 3.06
N CYS C 104 6.45 -18.50 3.64
CA CYS C 104 6.17 -17.96 4.96
C CYS C 104 7.09 -16.77 5.26
N VAL C 105 6.66 -15.98 6.23
CA VAL C 105 7.47 -14.89 6.76
C VAL C 105 8.45 -15.50 7.76
N LEU C 106 9.74 -15.32 7.51
CA LEU C 106 10.78 -16.05 8.23
C LEU C 106 11.92 -15.11 8.57
N GLU C 107 12.42 -15.22 9.81
CA GLU C 107 13.59 -14.43 10.22
C GLU C 107 14.19 -15.04 11.47
N TYR C 108 15.46 -14.69 11.70
CA TYR C 108 16.12 -15.04 12.95
C TYR C 108 15.74 -14.04 14.03
N ALA C 109 15.84 -14.48 15.28
CA ALA C 109 15.74 -13.58 16.41
C ALA C 109 17.03 -12.80 16.53
N THR C 110 16.98 -11.50 16.24
CA THR C 110 18.18 -10.68 16.24
C THR C 110 18.97 -10.68 17.55
N PRO C 111 18.36 -10.69 18.74
CA PRO C 111 19.18 -10.72 19.98
C PRO C 111 20.19 -11.85 20.02
N LEU C 112 19.98 -12.94 19.28
CA LEU C 112 20.96 -14.01 19.29
C LEU C 112 22.26 -13.58 18.64
N GLN C 113 22.17 -12.68 17.65
CA GLN C 113 23.37 -12.09 17.06
C GLN C 113 24.14 -11.29 18.09
N THR C 114 23.45 -10.64 19.04
CA THR C 114 24.14 -9.91 20.09
C THR C 114 24.85 -10.86 21.05
N LEU C 115 24.19 -11.97 21.41
CA LEU C 115 24.84 -12.96 22.26
C LEU C 115 26.08 -13.53 21.58
N PHE C 116 26.01 -13.79 20.28
CA PHE C 116 27.18 -14.28 19.57
C PHE C 116 28.29 -13.23 19.59
N ALA C 117 27.95 -11.98 19.28
CA ALA C 117 28.97 -10.95 19.24
C ALA C 117 29.58 -10.71 20.62
N MET C 118 28.77 -10.86 21.68
CA MET C 118 29.32 -10.69 23.02
C MET C 118 30.33 -11.77 23.36
N SER C 119 30.15 -12.98 22.83
CA SER C 119 31.11 -14.05 23.09
C SER C 119 32.36 -13.91 22.24
N GLN C 120 32.31 -13.09 21.19
CA GLN C 120 33.49 -12.84 20.36
C GLN C 120 34.36 -11.71 20.89
N TYR C 121 33.77 -10.73 21.59
CA TYR C 121 34.46 -9.51 22.00
C TYR C 121 34.98 -9.68 23.42
N SER C 122 36.31 -9.57 23.59
CA SER C 122 36.92 -9.74 24.90
C SER C 122 36.33 -8.77 25.92
N GLN C 123 36.07 -7.54 25.50
CA GLN C 123 35.61 -6.50 26.42
C GLN C 123 34.28 -6.84 27.06
N ALA C 124 33.48 -7.71 26.42
CA ALA C 124 32.18 -8.10 26.97
C ALA C 124 32.29 -9.05 28.17
N GLY C 125 33.45 -9.69 28.35
CA GLY C 125 33.63 -10.62 29.46
C GLY C 125 32.60 -11.74 29.47
N PHE C 126 32.38 -12.35 28.32
CA PHE C 126 31.22 -13.22 28.09
C PHE C 126 31.70 -14.43 27.32
N SER C 127 31.63 -15.61 27.94
CA SER C 127 32.23 -16.82 27.38
C SER C 127 31.23 -17.61 26.53
N ARG C 128 31.77 -18.55 25.75
CA ARG C 128 30.92 -19.42 24.94
C ARG C 128 29.94 -20.20 25.81
N GLU C 129 30.35 -20.57 27.03
CA GLU C 129 29.41 -21.22 27.95
C GLU C 129 28.37 -20.25 28.47
N ASP C 130 28.76 -19.00 28.75
CA ASP C 130 27.78 -17.97 29.07
C ASP C 130 26.78 -17.81 27.94
N ARG C 131 27.26 -17.90 26.69
CA ARG C 131 26.40 -17.65 25.55
C ARG C 131 25.29 -18.69 25.45
N LEU C 132 25.62 -19.97 25.63
CA LEU C 132 24.61 -21.00 25.51
C LEU C 132 23.61 -20.92 26.65
N GLU C 133 24.10 -20.69 27.87
CA GLU C 133 23.20 -20.49 29.00
C GLU C 133 22.24 -19.34 28.74
N GLN C 134 22.75 -18.20 28.30
CA GLN C 134 21.87 -17.06 28.05
C GLN C 134 20.96 -17.31 26.85
N ALA C 135 21.43 -18.07 25.86
CA ALA C 135 20.58 -18.38 24.71
C ALA C 135 19.35 -19.16 25.15
N LYS C 136 19.56 -20.23 25.92
CA LYS C 136 18.44 -20.99 26.47
C LYS C 136 17.55 -20.12 27.34
N LEU C 137 18.15 -19.21 28.12
CA LEU C 137 17.33 -18.35 28.99
C LEU C 137 16.53 -17.35 28.17
N PHE C 138 17.13 -16.82 27.10
CA PHE C 138 16.39 -15.95 26.19
C PHE C 138 15.16 -16.64 25.64
N CYS C 139 15.29 -17.91 25.22
CA CYS C 139 14.16 -18.61 24.62
C CYS C 139 13.05 -18.85 25.63
N ARG C 140 13.40 -19.32 26.83
CA ARG C 140 12.38 -19.58 27.84
C ARG C 140 11.68 -18.29 28.27
N THR C 141 12.43 -17.20 28.48
CA THR C 141 11.80 -15.94 28.86
C THR C 141 10.86 -15.43 27.79
N LEU C 142 11.29 -15.48 26.53
CA LEU C 142 10.44 -15.01 25.44
C LEU C 142 9.18 -15.85 25.32
N GLU C 143 9.29 -17.16 25.54
CA GLU C 143 8.10 -18.02 25.49
C GLU C 143 7.14 -17.67 26.62
N ASP C 144 7.66 -17.39 27.81
CA ASP C 144 6.77 -17.02 28.91
C ASP C 144 6.15 -15.65 28.66
N ILE C 145 6.89 -14.73 28.05
CA ILE C 145 6.32 -13.44 27.68
C ILE C 145 5.16 -13.65 26.70
N LEU C 146 5.42 -14.39 25.60
CA LEU C 146 4.42 -14.54 24.55
C LEU C 146 3.20 -15.32 25.03
N ALA C 147 3.37 -16.25 25.97
CA ALA C 147 2.23 -17.00 26.48
C ALA C 147 1.22 -16.10 27.18
N ASP C 148 1.70 -15.02 27.81
CA ASP C 148 0.83 -14.09 28.52
C ASP C 148 0.65 -12.77 27.80
N ALA C 149 1.24 -12.62 26.61
CA ALA C 149 1.16 -11.37 25.89
C ALA C 149 -0.13 -11.32 25.08
N PRO C 150 -0.91 -10.24 25.19
CA PRO C 150 -2.11 -10.11 24.35
C PRO C 150 -1.80 -9.94 22.87
N GLU C 151 -0.65 -9.37 22.51
CA GLU C 151 -0.35 -9.11 21.11
C GLU C 151 -0.04 -10.40 20.35
N SER C 152 0.62 -11.36 20.99
CA SER C 152 0.88 -12.65 20.37
C SER C 152 -0.24 -13.62 20.73
N GLN C 153 -1.44 -13.28 20.23
CA GLN C 153 -2.57 -14.20 20.25
C GLN C 153 -2.65 -14.84 18.87
N ASN C 154 -1.75 -15.81 18.65
CA ASN C 154 -1.78 -16.78 17.56
C ASN C 154 -1.03 -16.33 16.30
N ASN C 155 -0.09 -15.38 16.43
CA ASN C 155 0.56 -14.80 15.25
C ASN C 155 2.05 -15.14 15.12
N CYS C 156 2.62 -16.02 15.94
CA CYS C 156 4.03 -16.28 15.71
C CYS C 156 4.43 -17.64 16.28
N ARG C 157 5.48 -18.21 15.69
CA ARG C 157 5.96 -19.54 16.04
C ARG C 157 7.46 -19.47 16.31
N LEU C 158 7.88 -19.94 17.48
CA LEU C 158 9.28 -20.01 17.84
C LEU C 158 9.85 -21.36 17.39
N ILE C 159 10.99 -21.32 16.69
CA ILE C 159 11.63 -22.52 16.17
C ILE C 159 13.03 -22.57 16.78
N ALA C 160 13.17 -23.27 17.90
CA ALA C 160 14.43 -23.41 18.61
C ALA C 160 15.13 -24.67 18.16
N TYR C 161 16.45 -24.59 17.97
CA TYR C 161 17.21 -25.76 17.53
C TYR C 161 18.68 -25.54 17.85
N GLN C 162 19.41 -26.65 17.85
CA GLN C 162 20.78 -26.73 18.34
C GLN C 162 21.68 -27.30 17.25
N GLU C 163 22.90 -26.80 17.16
CA GLU C 163 23.92 -27.33 16.24
C GLU C 163 25.25 -27.44 16.98
N PRO C 164 25.42 -28.46 17.83
CA PRO C 164 26.64 -28.65 18.62
C PRO C 164 27.84 -29.03 17.76
N PHE C 170 22.08 -31.35 9.27
CA PHE C 170 20.87 -30.68 9.74
C PHE C 170 20.28 -29.78 8.66
N SER C 171 18.99 -29.95 8.39
CA SER C 171 18.28 -29.18 7.36
C SER C 171 17.39 -28.16 8.07
N LEU C 172 17.68 -26.87 7.85
CA LEU C 172 16.83 -25.82 8.39
C LEU C 172 15.46 -25.82 7.71
N SER C 173 15.46 -25.99 6.37
CA SER C 173 14.20 -25.98 5.63
C SER C 173 13.23 -27.04 6.15
N GLN C 174 13.74 -28.23 6.47
CA GLN C 174 12.88 -29.28 6.97
C GLN C 174 12.38 -28.99 8.38
N GLU C 175 13.18 -28.27 9.18
CA GLU C 175 12.72 -27.88 10.51
C GLU C 175 11.58 -26.86 10.41
N VAL C 176 11.70 -25.89 9.51
CA VAL C 176 10.61 -24.92 9.35
C VAL C 176 9.38 -25.57 8.75
N LEU C 177 9.57 -26.41 7.72
CA LEU C 177 8.42 -27.09 7.11
C LEU C 177 7.71 -27.99 8.12
N ARG C 178 8.45 -28.56 9.07
CA ARG C 178 7.82 -29.33 10.13
C ARG C 178 6.84 -28.47 10.92
N HIS C 179 7.27 -27.27 11.32
CA HIS C 179 6.36 -26.34 11.99
C HIS C 179 5.29 -25.82 11.05
N LEU C 180 5.66 -25.58 9.79
CA LEU C 180 4.75 -24.96 8.84
C LEU C 180 3.57 -25.87 8.50
N ARG C 181 3.75 -27.19 8.68
CA ARG C 181 2.71 -28.16 8.36
C ARG C 181 1.92 -28.61 9.58
N GLN C 182 1.94 -27.84 10.66
CA GLN C 182 1.26 -28.21 11.90
C GLN C 182 -0.05 -27.47 12.14
N GLU C 183 -0.29 -26.35 11.47
CA GLU C 183 -1.50 -25.59 11.69
C GLU C 183 -2.69 -26.19 10.94
N SER D 1 24.39 -8.53 33.43
CA SER D 1 23.21 -7.81 33.90
C SER D 1 22.31 -7.37 32.74
N VAL D 2 21.13 -6.86 33.09
CA VAL D 2 20.20 -6.32 32.08
C VAL D 2 20.88 -5.21 31.27
N ALA D 3 21.47 -4.24 31.95
CA ALA D 3 22.08 -3.12 31.25
C ALA D 3 23.27 -3.56 30.40
N HIS D 4 24.03 -4.53 30.89
CA HIS D 4 25.20 -5.01 30.16
C HIS D 4 24.79 -5.55 28.79
N GLY D 5 23.72 -6.35 28.73
CA GLY D 5 23.28 -6.89 27.46
C GLY D 5 22.67 -5.82 26.56
N LEU D 6 21.92 -4.89 27.15
CA LEU D 6 21.28 -3.86 26.35
C LEU D 6 22.32 -2.92 25.73
N ALA D 7 23.37 -2.58 26.49
CA ALA D 7 24.40 -1.71 25.95
C ALA D 7 25.15 -2.38 24.81
N TRP D 8 25.54 -3.64 25.00
CA TRP D 8 26.21 -4.37 23.93
C TRP D 8 25.30 -4.53 22.72
N SER D 9 24.01 -4.78 22.97
CA SER D 9 23.03 -4.85 21.89
C SER D 9 22.97 -3.52 21.12
N TYR D 10 22.91 -2.41 21.86
CA TYR D 10 22.82 -1.10 21.21
C TYR D 10 24.05 -0.83 20.36
N TYR D 11 25.22 -1.29 20.80
CA TYR D 11 26.43 -1.12 20.01
C TYR D 11 26.47 -2.10 18.83
N ILE D 12 26.30 -3.39 19.10
CA ILE D 12 26.48 -4.41 18.07
C ILE D 12 25.44 -4.25 16.96
N GLY D 13 24.19 -4.06 17.34
CA GLY D 13 23.09 -4.02 16.39
C GLY D 13 22.71 -2.66 15.86
N TYR D 14 23.41 -1.61 16.27
CA TYR D 14 23.02 -0.28 15.83
C TYR D 14 24.23 0.63 15.62
N LEU D 15 24.88 1.04 16.72
CA LEU D 15 25.93 2.05 16.63
C LEU D 15 27.08 1.59 15.74
N ARG D 16 27.51 0.33 15.87
CA ARG D 16 28.63 -0.12 15.05
C ARG D 16 28.25 -0.19 13.58
N LEU D 17 26.95 -0.22 13.28
CA LEU D 17 26.49 -0.23 11.91
C LEU D 17 26.31 1.18 11.32
N ILE D 18 25.84 2.14 12.13
CA ILE D 18 25.45 3.43 11.55
C ILE D 18 26.55 4.47 11.73
N LEU D 19 27.38 4.34 12.76
CA LEU D 19 28.43 5.33 12.98
C LEU D 19 29.43 5.43 11.83
N PRO D 20 29.89 4.33 11.20
CA PRO D 20 30.82 4.50 10.08
C PRO D 20 30.21 5.19 8.86
N GLU D 21 28.89 5.22 8.73
CA GLU D 21 28.23 5.82 7.58
C GLU D 21 27.61 7.18 7.88
N LEU D 22 27.69 7.64 9.13
CA LEU D 22 26.96 8.84 9.52
C LEU D 22 27.55 10.09 8.85
N GLN D 23 28.88 10.18 8.81
CA GLN D 23 29.52 11.33 8.18
C GLN D 23 29.08 11.48 6.73
N ALA D 24 29.10 10.38 5.97
CA ALA D 24 28.73 10.45 4.56
C ALA D 24 27.27 10.82 4.39
N ARG D 25 26.41 10.38 5.31
CA ARG D 25 24.99 10.72 5.21
C ARG D 25 24.75 12.17 5.56
N ILE D 26 25.53 12.72 6.49
CA ILE D 26 25.34 14.12 6.88
C ILE D 26 25.86 15.04 5.78
N ARG D 27 27.02 14.71 5.21
CA ARG D 27 27.51 15.46 4.06
C ARG D 27 26.48 15.46 2.93
N THR D 28 25.93 14.29 2.61
CA THR D 28 24.90 14.21 1.58
C THR D 28 23.75 15.17 1.86
N TYR D 29 23.29 15.21 3.12
CA TYR D 29 22.17 16.07 3.44
C TYR D 29 22.54 17.55 3.29
N ASN D 30 23.69 17.94 3.84
CA ASN D 30 24.09 19.34 3.82
C ASN D 30 24.28 19.85 2.39
N GLN D 31 24.77 19.00 1.49
CA GLN D 31 25.11 19.46 0.14
C GLN D 31 23.91 19.42 -0.81
N HIS D 32 22.96 18.51 -0.61
CA HIS D 32 21.91 18.31 -1.59
C HIS D 32 20.51 18.62 -1.05
N TYR D 33 20.14 18.09 0.12
CA TYR D 33 18.77 18.24 0.60
C TYR D 33 18.57 19.45 1.50
N ASN D 34 19.64 20.00 2.07
CA ASN D 34 19.49 21.13 2.98
C ASN D 34 19.16 22.40 2.20
N ASN D 35 18.19 23.16 2.69
CA ASN D 35 17.83 24.41 2.05
C ASN D 35 19.02 25.37 2.06
N LEU D 36 19.06 26.25 1.07
CA LEU D 36 20.23 27.08 0.83
C LEU D 36 20.58 27.95 2.04
N LEU D 37 19.57 28.49 2.73
CA LEU D 37 19.79 29.42 3.82
C LEU D 37 19.95 28.75 5.18
N ARG D 38 19.65 27.47 5.32
CA ARG D 38 19.66 26.82 6.62
C ARG D 38 21.07 26.43 7.03
N GLY D 39 21.33 26.50 8.33
CA GLY D 39 22.64 26.13 8.84
C GLY D 39 22.96 24.67 8.59
N ALA D 40 24.25 24.40 8.53
CA ALA D 40 24.73 23.04 8.28
C ALA D 40 24.39 22.12 9.44
N VAL D 41 24.13 20.85 9.12
CA VAL D 41 23.91 19.84 10.16
C VAL D 41 25.26 19.46 10.77
N SER D 42 25.32 19.45 12.10
CA SER D 42 26.55 19.06 12.78
C SER D 42 26.88 17.59 12.50
N GLN D 43 28.13 17.22 12.78
CA GLN D 43 28.72 15.98 12.28
C GLN D 43 28.57 14.79 13.22
N ARG D 44 27.80 14.90 14.30
CA ARG D 44 27.78 13.84 15.30
C ARG D 44 26.35 13.41 15.59
N LEU D 45 26.22 12.15 15.99
CA LEU D 45 24.96 11.63 16.53
C LEU D 45 24.89 11.99 18.01
N TYR D 46 23.85 12.70 18.39
CA TYR D 46 23.67 13.09 19.78
C TYR D 46 22.60 12.19 20.40
N ILE D 47 22.99 11.44 21.43
CA ILE D 47 22.17 10.41 22.03
C ILE D 47 21.71 10.90 23.40
N LEU D 48 20.40 11.03 23.57
CA LEU D 48 19.81 11.49 24.82
C LEU D 48 19.62 10.32 25.77
N LEU D 49 20.13 10.46 27.00
CA LEU D 49 20.08 9.40 28.00
C LEU D 49 19.43 9.93 29.27
N PRO D 50 18.10 10.07 29.29
CA PRO D 50 17.42 10.44 30.53
C PRO D 50 17.45 9.27 31.52
N LEU D 51 18.03 9.53 32.69
CA LEU D 51 18.20 8.46 33.68
C LEU D 51 16.87 8.00 34.25
N ASP D 52 15.82 8.79 34.16
CA ASP D 52 14.50 8.32 34.56
C ASP D 52 13.84 7.46 33.49
N CYS D 53 14.51 7.27 32.35
CA CYS D 53 14.03 6.48 31.22
C CYS D 53 12.71 7.02 30.66
N GLY D 54 12.45 8.31 30.84
CA GLY D 54 11.33 8.95 30.19
C GLY D 54 11.65 9.23 28.74
N VAL D 55 11.04 8.45 27.84
CA VAL D 55 11.27 8.58 26.41
C VAL D 55 9.92 8.82 25.74
N PRO D 56 9.61 10.05 25.35
CA PRO D 56 8.43 10.30 24.54
C PRO D 56 8.64 9.78 23.13
N ASP D 57 7.57 9.27 22.53
CA ASP D 57 7.69 8.80 21.15
C ASP D 57 7.90 9.96 20.19
N ASN D 58 7.41 11.16 20.53
CA ASN D 58 7.59 12.34 19.71
C ASN D 58 8.50 13.30 20.46
N LEU D 59 9.71 13.49 19.94
CA LEU D 59 10.72 14.33 20.58
C LEU D 59 10.37 15.82 20.46
N ASN D 65 11.66 24.28 22.04
CA ASN D 65 12.84 24.79 21.35
C ASN D 65 13.49 23.71 20.50
N ILE D 66 12.83 22.58 20.35
CA ILE D 66 13.33 21.46 19.56
C ILE D 66 12.26 21.15 18.51
N ARG D 67 12.60 21.38 17.24
CA ARG D 67 11.65 21.25 16.14
C ARG D 67 12.20 20.28 15.10
N PHE D 68 11.38 19.32 14.69
CA PHE D 68 11.79 18.38 13.66
C PHE D 68 12.01 19.09 12.33
N LEU D 69 13.18 18.89 11.74
CA LEU D 69 13.52 19.49 10.47
C LEU D 69 13.34 18.53 9.29
N ASP D 70 14.00 17.38 9.33
CA ASP D 70 14.03 16.47 8.21
C ASP D 70 14.65 15.15 8.67
N LYS D 71 14.58 14.16 7.79
CA LYS D 71 15.28 12.89 7.98
C LYS D 71 16.51 12.88 7.09
N LEU D 72 17.59 12.28 7.59
CA LEU D 72 18.75 12.02 6.74
C LEU D 72 18.36 11.02 5.65
N PRO D 73 19.15 10.91 4.59
CA PRO D 73 18.98 9.77 3.68
C PRO D 73 19.09 8.45 4.43
N GLN D 74 18.24 7.50 4.06
CA GLN D 74 18.16 6.23 4.76
C GLN D 74 19.41 5.38 4.53
N GLN D 75 19.72 4.53 5.50
CA GLN D 75 20.77 3.53 5.40
C GLN D 75 20.11 2.16 5.39
N THR D 76 20.47 1.31 4.43
CA THR D 76 19.89 0.00 4.31
C THR D 76 20.97 -1.07 4.26
N GLY D 77 20.62 -2.26 4.74
CA GLY D 77 21.50 -3.41 4.71
C GLY D 77 20.74 -4.66 5.07
N ASP D 78 21.38 -5.81 4.82
CA ASP D 78 20.82 -7.11 5.15
C ASP D 78 21.27 -7.53 6.54
N HIS D 79 20.33 -8.06 7.32
CA HIS D 79 20.64 -8.55 8.67
C HIS D 79 19.66 -9.63 9.08
N ALA D 80 20.20 -10.75 9.59
CA ALA D 80 19.42 -11.77 10.30
C ALA D 80 18.23 -12.26 9.49
N GLY D 81 18.42 -12.36 8.17
CA GLY D 81 17.35 -12.82 7.30
C GLY D 81 16.37 -11.74 6.89
N ILE D 82 16.53 -10.52 7.39
CA ILE D 82 15.75 -9.38 6.93
C ILE D 82 16.52 -8.73 5.80
N LYS D 83 15.94 -8.77 4.60
CA LYS D 83 16.55 -8.13 3.43
C LYS D 83 16.29 -6.62 3.48
N ASP D 84 17.36 -5.85 3.33
CA ASP D 84 17.27 -4.38 3.26
C ASP D 84 16.57 -3.80 4.49
N ARG D 85 17.10 -4.13 5.66
CA ARG D 85 16.68 -3.41 6.86
C ARG D 85 17.07 -1.95 6.74
N VAL D 86 16.21 -1.07 7.24
CA VAL D 86 16.36 0.38 7.06
C VAL D 86 16.69 1.01 8.41
N TYR D 87 17.74 1.81 8.44
CA TYR D 87 18.09 2.64 9.58
C TYR D 87 17.90 4.10 9.19
N SER D 88 17.13 4.83 10.01
CA SER D 88 16.76 6.20 9.71
C SER D 88 17.03 7.08 10.93
N ASN D 89 17.47 8.30 10.67
CA ASN D 89 17.76 9.27 11.72
C ASN D 89 17.11 10.60 11.38
N SER D 90 16.79 11.38 12.41
CA SER D 90 16.06 12.62 12.26
C SER D 90 16.93 13.80 12.64
N ILE D 91 16.74 14.92 11.95
CA ILE D 91 17.48 16.15 12.17
C ILE D 91 16.59 17.15 12.88
N TYR D 92 17.14 17.83 13.87
CA TYR D 92 16.37 18.75 14.72
C TYR D 92 17.07 20.09 14.80
N GLU D 93 16.29 21.18 14.75
CA GLU D 93 16.82 22.52 14.98
C GLU D 93 16.63 22.92 16.44
N LEU D 94 17.65 23.52 17.02
CA LEU D 94 17.66 23.93 18.41
C LEU D 94 17.52 25.43 18.49
N LEU D 95 16.41 25.89 19.05
CA LEU D 95 16.12 27.32 19.17
C LEU D 95 16.60 27.85 20.51
N GLU D 96 17.19 29.04 20.49
CA GLU D 96 17.65 29.71 21.70
C GLU D 96 17.44 31.21 21.52
N ASN D 97 16.69 31.82 22.44
CA ASN D 97 16.34 33.24 22.38
C ASN D 97 15.64 33.59 21.06
N GLY D 98 14.92 32.63 20.49
CA GLY D 98 14.27 32.82 19.21
C GLY D 98 15.19 32.71 18.01
N GLN D 99 16.49 32.55 18.22
CA GLN D 99 17.46 32.41 17.14
C GLN D 99 17.83 30.94 16.98
N ARG D 100 17.96 30.50 15.73
CA ARG D 100 18.49 29.17 15.45
C ARG D 100 19.93 29.11 15.95
N ALA D 101 20.16 28.31 16.99
CA ALA D 101 21.48 28.18 17.58
C ALA D 101 22.20 26.90 17.16
N GLY D 102 21.48 25.91 16.61
CA GLY D 102 22.12 24.66 16.26
C GLY D 102 21.20 23.73 15.52
N THR D 103 21.80 22.86 14.71
CA THR D 103 21.12 21.81 13.97
C THR D 103 21.92 20.52 14.14
N CYS D 104 21.25 19.42 14.50
CA CYS D 104 22.01 18.21 14.77
C CYS D 104 21.13 16.97 14.67
N VAL D 105 21.79 15.83 14.49
CA VAL D 105 21.13 14.54 14.49
C VAL D 105 20.93 14.12 15.94
N LEU D 106 19.68 13.91 16.33
CA LEU D 106 19.32 13.83 17.74
C LEU D 106 18.33 12.69 17.93
N GLU D 107 18.53 11.89 18.98
CA GLU D 107 17.60 10.82 19.27
C GLU D 107 17.81 10.28 20.68
N TYR D 108 16.76 9.72 21.24
CA TYR D 108 16.82 9.00 22.50
C TYR D 108 17.46 7.63 22.31
N ALA D 109 18.21 7.19 23.31
CA ALA D 109 18.72 5.82 23.31
C ALA D 109 17.57 4.86 23.52
N THR D 110 17.24 4.09 22.48
CA THR D 110 16.02 3.29 22.56
C THR D 110 16.04 2.18 23.62
N PRO D 111 17.17 1.63 24.07
CA PRO D 111 17.09 0.63 25.16
C PRO D 111 16.52 1.19 26.46
N LEU D 112 16.54 2.51 26.65
CA LEU D 112 15.93 3.07 27.85
C LEU D 112 14.42 2.82 27.86
N GLN D 113 13.80 2.76 26.69
CA GLN D 113 12.38 2.43 26.63
C GLN D 113 12.13 1.00 27.11
N THR D 114 13.10 0.10 26.86
CA THR D 114 12.99 -1.25 27.40
C THR D 114 13.07 -1.24 28.92
N LEU D 115 14.02 -0.49 29.48
CA LEU D 115 14.11 -0.40 30.93
C LEU D 115 12.83 0.17 31.54
N PHE D 116 12.24 1.17 30.91
CA PHE D 116 11.01 1.74 31.44
C PHE D 116 9.87 0.72 31.39
N ALA D 117 9.70 0.05 30.23
CA ALA D 117 8.62 -0.92 30.09
C ALA D 117 8.79 -2.07 31.08
N MET D 118 10.04 -2.48 31.32
CA MET D 118 10.29 -3.57 32.27
C MET D 118 9.89 -3.18 33.68
N SER D 119 10.02 -1.89 34.01
CA SER D 119 9.55 -1.40 35.31
C SER D 119 8.04 -1.30 35.37
N GLN D 120 7.37 -1.18 34.23
CA GLN D 120 5.91 -1.12 34.21
C GLN D 120 5.25 -2.49 34.35
N TYR D 121 5.86 -3.54 33.80
CA TYR D 121 5.24 -4.86 33.68
C TYR D 121 5.65 -5.75 34.85
N SER D 122 4.66 -6.27 35.58
CA SER D 122 4.96 -7.09 36.76
C SER D 122 5.70 -8.37 36.38
N GLN D 123 5.40 -8.92 35.20
CA GLN D 123 6.04 -10.17 34.76
C GLN D 123 7.55 -10.01 34.58
N ALA D 124 8.05 -8.78 34.41
CA ALA D 124 9.49 -8.56 34.27
C ALA D 124 10.23 -8.65 35.59
N GLY D 125 9.54 -8.59 36.73
CA GLY D 125 10.17 -8.67 38.04
C GLY D 125 11.22 -7.60 38.23
N PHE D 126 10.90 -6.38 37.82
CA PHE D 126 11.90 -5.33 37.61
C PHE D 126 11.37 -4.05 38.26
N SER D 127 11.95 -3.66 39.39
CA SER D 127 11.43 -2.52 40.15
C SER D 127 11.90 -1.19 39.55
N ARG D 128 11.31 -0.10 40.08
CA ARG D 128 11.75 1.23 39.66
C ARG D 128 13.14 1.54 40.17
N GLU D 129 13.49 1.03 41.36
CA GLU D 129 14.87 1.15 41.83
C GLU D 129 15.83 0.34 40.94
N ASP D 130 15.42 -0.87 40.54
CA ASP D 130 16.19 -1.61 39.54
C ASP D 130 16.41 -0.78 38.29
N ARG D 131 15.37 -0.05 37.86
CA ARG D 131 15.44 0.69 36.61
C ARG D 131 16.51 1.77 36.66
N LEU D 132 16.54 2.55 37.73
CA LEU D 132 17.53 3.62 37.84
C LEU D 132 18.94 3.04 37.85
N GLU D 133 19.17 1.99 38.65
CA GLU D 133 20.48 1.36 38.71
C GLU D 133 20.91 0.85 37.34
N GLN D 134 20.01 0.17 36.62
CA GLN D 134 20.39 -0.34 35.30
C GLN D 134 20.56 0.79 34.30
N ALA D 135 19.80 1.87 34.42
CA ALA D 135 19.99 3.00 33.52
C ALA D 135 21.39 3.60 33.66
N LYS D 136 21.89 3.70 34.90
CA LYS D 136 23.24 4.19 35.10
C LYS D 136 24.27 3.20 34.57
N LEU D 137 24.09 1.91 34.87
CA LEU D 137 25.01 0.89 34.35
C LEU D 137 25.04 0.91 32.83
N PHE D 138 23.87 1.12 32.20
CA PHE D 138 23.82 1.18 30.74
C PHE D 138 24.69 2.30 30.20
N CYS D 139 24.58 3.50 30.80
CA CYS D 139 25.36 4.63 30.33
C CYS D 139 26.85 4.37 30.49
N ARG D 140 27.26 3.86 31.67
CA ARG D 140 28.67 3.60 31.92
C ARG D 140 29.20 2.52 31.00
N THR D 141 28.45 1.44 30.81
CA THR D 141 28.87 0.40 29.87
C THR D 141 28.99 0.95 28.45
N LEU D 142 28.01 1.74 28.02
CA LEU D 142 28.04 2.29 26.67
C LEU D 142 29.27 3.18 26.46
N GLU D 143 29.54 4.09 27.42
CA GLU D 143 30.71 4.95 27.30
C GLU D 143 31.99 4.12 27.24
N ASP D 144 32.06 3.04 28.02
CA ASP D 144 33.26 2.21 28.01
C ASP D 144 33.42 1.48 26.68
N ILE D 145 32.31 0.99 26.12
CA ILE D 145 32.35 0.39 24.79
C ILE D 145 32.82 1.40 23.77
N LEU D 146 32.23 2.60 23.79
CA LEU D 146 32.52 3.59 22.76
C LEU D 146 33.94 4.13 22.88
N ALA D 147 34.52 4.12 24.07
CA ALA D 147 35.88 4.60 24.23
C ALA D 147 36.88 3.70 23.53
N ASP D 148 36.59 2.39 23.48
CA ASP D 148 37.47 1.41 22.84
C ASP D 148 36.98 1.00 21.46
N ALA D 149 35.85 1.55 21.00
CA ALA D 149 35.27 1.10 19.74
C ALA D 149 35.94 1.83 18.58
N PRO D 150 36.43 1.09 17.57
CA PRO D 150 36.98 1.77 16.38
C PRO D 150 35.94 2.55 15.60
N GLU D 151 34.66 2.19 15.70
CA GLU D 151 33.64 2.90 14.93
C GLU D 151 33.35 4.27 15.51
N SER D 152 33.54 4.46 16.81
CA SER D 152 33.42 5.76 17.43
C SER D 152 34.73 6.52 17.27
N GLN D 153 34.71 7.58 16.47
CA GLN D 153 35.88 8.37 16.13
C GLN D 153 35.37 9.80 15.95
N ASN D 154 35.10 10.45 17.08
CA ASN D 154 34.56 11.81 17.19
C ASN D 154 33.16 11.96 16.57
N ASN D 155 32.41 10.88 16.40
CA ASN D 155 31.13 10.94 15.69
C ASN D 155 29.93 10.61 16.57
N CYS D 156 30.11 10.58 17.89
CA CYS D 156 29.02 10.19 18.78
C CYS D 156 29.18 10.89 20.13
N ARG D 157 28.07 11.39 20.66
CA ARG D 157 28.10 12.11 21.93
C ARG D 157 26.94 11.67 22.80
N LEU D 158 27.25 11.13 23.97
CA LEU D 158 26.24 10.74 24.94
C LEU D 158 25.87 11.93 25.81
N ILE D 159 24.58 12.12 26.02
CA ILE D 159 24.05 13.25 26.81
C ILE D 159 23.15 12.64 27.88
N ALA D 160 23.72 12.41 29.06
CA ALA D 160 23.01 11.83 30.19
C ALA D 160 22.57 12.92 31.16
N TYR D 161 21.37 12.78 31.71
CA TYR D 161 20.86 13.81 32.60
C TYR D 161 19.76 13.23 33.46
N GLN D 162 19.48 13.93 34.56
CA GLN D 162 18.45 13.60 35.53
C GLN D 162 17.34 14.67 35.48
N GLU D 163 16.27 14.41 36.21
CA GLU D 163 15.14 15.35 36.23
C GLU D 163 14.96 15.94 37.62
N PHE D 170 13.54 22.24 33.78
CA PHE D 170 14.67 21.72 33.01
C PHE D 170 14.50 22.02 31.53
N SER D 171 15.58 22.44 30.88
CA SER D 171 15.58 22.78 29.47
C SER D 171 16.39 21.75 28.69
N LEU D 172 15.68 20.86 27.98
CA LEU D 172 16.38 19.88 27.14
C LEU D 172 17.18 20.56 26.04
N SER D 173 16.60 21.59 25.43
CA SER D 173 17.26 22.26 24.30
C SER D 173 18.59 22.87 24.73
N GLN D 174 18.62 23.52 25.90
CA GLN D 174 19.88 24.06 26.41
C GLN D 174 20.86 22.95 26.76
N GLU D 175 20.35 21.82 27.26
CA GLU D 175 21.23 20.68 27.54
C GLU D 175 21.96 20.22 26.29
N VAL D 176 21.23 20.10 25.18
CA VAL D 176 21.85 19.70 23.92
C VAL D 176 22.80 20.79 23.42
N LEU D 177 22.39 22.06 23.52
CA LEU D 177 23.22 23.16 23.03
C LEU D 177 24.56 23.21 23.74
N ARG D 178 24.61 22.85 25.02
CA ARG D 178 25.88 22.85 25.74
C ARG D 178 26.87 21.86 25.13
N HIS D 179 26.39 20.67 24.76
CA HIS D 179 27.28 19.69 24.13
C HIS D 179 27.61 20.09 22.71
N LEU D 180 26.65 20.68 22.00
CA LEU D 180 26.86 21.04 20.59
C LEU D 180 27.91 22.14 20.45
N ARG D 181 28.11 22.95 21.49
CA ARG D 181 29.04 24.08 21.44
C ARG D 181 30.43 23.73 21.97
N GLN D 182 30.77 22.45 22.06
CA GLN D 182 32.06 22.04 22.60
C GLN D 182 33.10 21.71 21.52
N GLU D 183 32.70 21.67 20.25
CA GLU D 183 33.66 21.41 19.19
C GLU D 183 33.30 22.16 17.91
C2 9UR E . -17.66 -3.17 -16.25
N01 9UR E . -15.27 -1.65 -13.76
C6 9UR E . -16.02 -1.84 -14.99
N1 9UR E . -16.90 -2.93 -15.05
N3 9UR E . -17.54 -2.28 -17.41
C4 9UR E . -16.61 -1.10 -17.32
C5 9UR E . -15.88 -0.88 -16.20
N7 9UR E . -15.13 0.22 -16.38
C8 9UR E . -15.40 0.66 -17.64
N9 9UR E . -16.33 -0.16 -18.21
C1' 9UR E . -16.86 -0.07 -19.54
C2' 9UR E . -18.14 0.68 -19.70
O2' 9UR E . -18.59 0.32 -21.01
C3' 9UR E . -17.71 2.04 -19.82
C4' 9UR E . -16.43 1.94 -20.63
C16 9UR E . -15.37 2.99 -20.44
O17 9UR E . -15.02 3.13 -19.10
P18 9UR E . -14.31 4.54 -18.65
O19 9UR E . -13.41 4.18 -17.58
O20 9UR E . -15.26 5.76 -18.10
C21 9UR E . -16.59 5.51 -17.73
C22 9UR E . -17.47 6.05 -18.78
O23 9UR E . -16.91 7.24 -19.31
C24 9UR E . -18.73 6.35 -18.02
C25 9UR E . -19.66 5.19 -18.03
O26 9UR E . -19.22 4.23 -17.12
P27 9UR E . -19.14 2.71 -17.74
O28 9UR E . -17.67 2.47 -18.47
O29 9UR E . -19.28 1.76 -16.59
O30 9UR E . -20.30 2.39 -18.60
O31 9UR E . -18.35 6.59 -16.62
C32 9UR E . -16.96 6.30 -16.49
N33 9UR E . -16.71 5.50 -15.33
C34 9UR E . -17.29 4.33 -14.95
N35 9UR E . -16.74 3.91 -13.78
C36 9UR E . -15.82 5.80 -14.40
C37 9UR E . -15.83 4.85 -13.45
C38 9UR E . -14.87 4.99 -12.26
N39 9UR E . -13.98 6.10 -12.14
C40 9UR E . -14.01 7.09 -13.19
N41 9UR E . -13.14 8.23 -13.16
N42 9UR E . -14.90 6.97 -14.32
O43 9UR E . -14.87 4.16 -11.42
O44 9UR E . -13.50 5.09 -19.74
O4' 9UR E . -15.88 0.64 -20.32
C2 9UR F . 14.04 -6.99 12.93
N01 9UR F . 13.67 -3.33 11.94
C6 9UR F . 13.83 -4.51 12.77
N1 9UR F . 13.88 -5.79 12.16
N3 9UR F . 14.14 -6.89 14.39
C4 9UR F . 14.09 -5.54 15.03
C5 9UR F . 13.94 -4.41 14.31
N7 9UR F . 13.93 -3.37 15.16
C8 9UR F . 14.06 -3.87 16.42
N9 9UR F . 14.17 -5.21 16.33
C1' 9UR F . 14.32 -6.17 17.38
C2' 9UR F . 15.70 -6.71 17.46
O2' 9UR F . 15.65 -8.08 17.80
C3' 9UR F . 16.32 -5.96 18.56
C4' 9UR F . 15.18 -5.57 19.47
C16 9UR F . 15.39 -4.19 20.06
O17 9UR F . 14.86 -3.19 19.24
P18 9UR F . 15.03 -1.60 19.68
O19 9UR F . 14.45 -0.78 18.61
O20 9UR F . 16.54 -1.03 19.95
C21 9UR F . 17.60 -1.63 19.27
C22 9UR F . 18.44 -2.36 20.24
O23 9UR F . 18.46 -1.69 21.49
C24 9UR F . 19.80 -2.32 19.61
C25 9UR F . 20.03 -3.56 18.83
O26 9UR F . 19.29 -3.57 17.65
P27 9UR F . 18.42 -4.93 17.31
O28 9UR F . 16.93 -4.81 18.02
O29 9UR F . 18.14 -4.94 15.83
O30 9UR F . 19.18 -6.18 17.61
O31 9UR F . 19.83 -1.15 18.70
C32 9UR F . 18.50 -0.59 18.67
N33 9UR F . 18.13 -0.33 17.31
C34 9UR F . 18.12 -1.22 16.29
N35 9UR F . 17.70 -0.59 15.17
C36 9UR F . 17.71 0.84 16.81
C37 9UR F . 17.43 0.68 15.49
C38 9UR F . 16.93 1.87 14.66
N39 9UR F . 16.75 3.15 15.27
C40 9UR F . 17.04 3.31 16.67
N41 9UR F . 16.86 4.59 17.32
N42 9UR F . 17.51 2.17 17.45
O43 9UR F . 16.69 1.74 13.51
O44 9UR F . 14.25 -1.38 20.89
O4' 9UR F . 13.99 -5.59 18.65
#